data_9V0T
#
_entry.id   9V0T
#
_cell.length_a   1.00
_cell.length_b   1.00
_cell.length_c   1.00
_cell.angle_alpha   90.00
_cell.angle_beta   90.00
_cell.angle_gamma   90.00
#
_symmetry.space_group_name_H-M   'P 1'
#
loop_
_entity.id
_entity.type
_entity.pdbx_description
1 polymer 'CNR2047 heavy chain'
2 polymer 'CNR2047 light chain'
3 polymer 'hMPV fusion protein'
#
loop_
_entity_poly.entity_id
_entity_poly.type
_entity_poly.pdbx_seq_one_letter_code
_entity_poly.pdbx_strand_id
1 'polypeptide(L)'
;VQLVESGGGLVKPGESLRLSCAVSGSMFSSYVMHWVRQAPGKGLDWVSSITGGGNYISYADSVKGRFIISRDNGRNSLSL
QMSSLRVDDTAVYYCVRGLSGVMGVTWFDSWGQGTLVTVSS
;
D
2 'polypeptide(L)'
;QSVLTQPPSVSGAPGQRVTISCTGSSSNIGAGFDVHWYQHLPGKAPKVIIYENSHRPSGVPDRFFGSKSGTSASLSISGL
QPEDEADYYCQSYDRGLDWVFGGGTKLTVL
;
E
3 'polypeptide(L)'
;MSWKVVIIFSLLITPQHGLKESYLEESCSTITEGYLSVLRTGWYTNVFTLEVGDVENLTCADGPSLIKTELDLTKSALRE
LRTVSADQLAREEQIENPRRRRFVLGAIALGVATAAAVTAGVAIAKTIRLESEVTAIKNALKKTNEAVSTLGNGVRVLAT
AVRELKDFVSKNLTRAINKNKCDIPDLKMAVSFSQFNRRFLNVVRQFSDNAGITPAISLDLMTDAELARAVSNMPTSAGQ
IKLMLENRAMVRRKGFGILIGVYGSSVIYMVQLPIFGVIDTPCWIVKAAPSCSEKKGNYACLLREDQGWYCQNAGSTVYY
PNEKDCETRGDHVFCDTAAGINVAEQSKECNINISTTNYPCKVSTGRHPISMVALSPLGALVACYKGVSCSIGSNRVGII
KQLNKGCSYITNQDADTVTIDNTVYQLSKVEGEQHVIKGRPVSSSFDPVKFPEDQFNVALDQVFESIENSQALVDQSNRI
LSSAEKGNTSGRENLYFQGGGGSGYIPEAPRDGQAYVRKDGEWVLLSTFLGGIEGRHHHHHH
;
F
#
# COMPACT_ATOMS: atom_id res chain seq x y z
N VAL A 1 22.09 -6.07 12.61
CA VAL A 1 21.27 -6.40 13.78
C VAL A 1 21.22 -7.92 13.97
N GLN A 2 21.86 -8.39 15.03
CA GLN A 2 21.94 -9.82 15.29
C GLN A 2 20.61 -10.36 15.82
N LEU A 3 20.46 -11.68 15.74
CA LEU A 3 19.27 -12.38 16.20
C LEU A 3 19.60 -13.84 16.40
N VAL A 4 18.86 -14.50 17.29
CA VAL A 4 19.12 -15.88 17.67
C VAL A 4 17.80 -16.63 17.70
N GLU A 5 17.88 -17.96 17.58
CA GLU A 5 16.73 -18.83 17.74
C GLU A 5 17.22 -20.21 18.16
N SER A 6 16.29 -21.01 18.68
CA SER A 6 16.61 -22.34 19.21
C SER A 6 15.30 -23.14 19.26
N GLY A 7 15.43 -24.45 19.46
CA GLY A 7 14.29 -25.32 19.61
C GLY A 7 14.38 -26.65 18.88
N GLY A 8 15.52 -26.99 18.25
CA GLY A 8 15.64 -28.22 17.51
C GLY A 8 16.45 -29.27 18.24
N GLY A 9 16.70 -30.37 17.54
CA GLY A 9 17.47 -31.47 18.07
C GLY A 9 17.10 -32.77 17.37
N LEU A 10 17.34 -33.88 18.07
CA LEU A 10 17.03 -35.20 17.54
C LEU A 10 15.57 -35.51 17.82
N VAL A 11 14.76 -35.56 16.76
CA VAL A 11 13.32 -35.65 16.87
C VAL A 11 12.82 -36.87 16.10
N LYS A 12 12.01 -37.70 16.75
CA LYS A 12 11.38 -38.84 16.11
C LYS A 12 10.32 -38.36 15.11
N PRO A 13 10.01 -39.17 14.10
CA PRO A 13 9.00 -38.75 13.11
C PRO A 13 7.61 -38.65 13.72
N GLY A 14 6.96 -37.51 13.50
CA GLY A 14 5.56 -37.36 13.83
C GLY A 14 5.20 -36.31 14.86
N GLU A 15 5.99 -36.20 15.93
CA GLU A 15 5.58 -35.36 17.05
C GLU A 15 5.77 -33.88 16.74
N SER A 16 5.03 -33.05 17.48
CA SER A 16 5.06 -31.61 17.32
C SER A 16 6.10 -30.99 18.26
N LEU A 17 6.88 -30.05 17.71
CA LEU A 17 7.81 -29.28 18.52
C LEU A 17 7.58 -27.80 18.31
N ARG A 18 8.25 -27.00 19.14
CA ARG A 18 8.14 -25.55 19.13
C ARG A 18 9.51 -24.96 18.80
N LEU A 19 9.53 -24.07 17.81
CA LEU A 19 10.70 -23.28 17.48
C LEU A 19 10.45 -21.85 17.91
N SER A 20 11.21 -21.38 18.89
CA SER A 20 11.09 -20.04 19.44
C SER A 20 12.27 -19.20 18.96
N CYS A 21 11.98 -18.01 18.46
CA CYS A 21 12.96 -17.16 17.81
C CYS A 21 12.94 -15.81 18.50
N ALA A 22 14.12 -15.32 18.87
CA ALA A 22 14.23 -14.19 19.79
C ALA A 22 14.95 -13.00 19.17
N VAL A 23 14.50 -12.60 17.97
CA VAL A 23 15.05 -11.42 17.31
C VAL A 23 14.88 -10.18 18.18
N SER A 24 15.91 -9.34 18.22
CA SER A 24 15.91 -8.10 19.01
C SER A 24 16.29 -6.95 18.07
N GLY A 25 15.29 -6.30 17.51
CA GLY A 25 15.48 -5.13 16.67
C GLY A 25 15.22 -3.84 17.42
N SER A 26 15.29 -2.74 16.67
CA SER A 26 14.95 -1.44 17.23
C SER A 26 13.46 -1.38 17.57
N MET A 27 12.61 -1.56 16.58
CA MET A 27 11.18 -1.75 16.79
C MET A 27 10.71 -2.87 15.88
N PHE A 28 9.79 -3.69 16.40
CA PHE A 28 9.50 -5.00 15.85
C PHE A 28 8.32 -5.04 14.90
N SER A 29 7.26 -4.29 15.19
CA SER A 29 5.98 -4.49 14.52
C SER A 29 5.97 -3.98 13.09
N SER A 30 7.03 -3.33 12.63
CA SER A 30 7.08 -2.79 11.28
C SER A 30 7.45 -3.83 10.22
N TYR A 31 8.01 -4.96 10.62
CA TYR A 31 8.71 -5.86 9.72
C TYR A 31 7.88 -7.11 9.48
N VAL A 32 7.65 -7.46 8.22
CA VAL A 32 7.20 -8.80 7.90
C VAL A 32 8.37 -9.76 8.11
N MET A 33 8.06 -11.01 8.44
CA MET A 33 9.11 -11.97 8.73
C MET A 33 8.83 -13.29 8.02
N HIS A 34 9.89 -14.09 7.87
CA HIS A 34 9.81 -15.30 7.07
C HIS A 34 10.65 -16.38 7.73
N TRP A 35 10.29 -17.63 7.48
CA TRP A 35 11.11 -18.76 7.84
C TRP A 35 11.56 -19.46 6.56
N VAL A 36 12.85 -19.77 6.48
CA VAL A 36 13.38 -20.57 5.39
C VAL A 36 14.16 -21.74 5.97
N ARG A 37 14.40 -22.74 5.14
CA ARG A 37 15.06 -23.97 5.58
C ARG A 37 16.16 -24.35 4.60
N GLN A 38 17.13 -25.11 5.12
CA GLN A 38 18.29 -25.53 4.37
C GLN A 38 18.49 -27.02 4.63
N ALA A 39 18.11 -27.84 3.66
CA ALA A 39 18.39 -29.26 3.74
C ALA A 39 19.89 -29.50 3.53
N PRO A 40 20.46 -30.47 4.23
CA PRO A 40 21.90 -30.74 4.07
C PRO A 40 22.23 -31.29 2.69
N GLY A 41 23.09 -30.57 1.98
CA GLY A 41 23.50 -30.98 0.65
C GLY A 41 22.55 -30.61 -0.47
N LYS A 42 21.42 -29.98 -0.17
CA LYS A 42 20.49 -29.52 -1.19
C LYS A 42 20.41 -28.00 -1.15
N GLY A 43 19.59 -27.46 -2.05
CA GLY A 43 19.38 -26.02 -2.09
C GLY A 43 18.44 -25.55 -1.01
N LEU A 44 18.43 -24.22 -0.81
CA LEU A 44 17.52 -23.63 0.16
C LEU A 44 16.08 -23.69 -0.36
N ASP A 45 15.14 -23.67 0.57
CA ASP A 45 13.72 -23.73 0.25
C ASP A 45 12.94 -22.88 1.23
N TRP A 46 12.00 -22.09 0.70
CA TRP A 46 11.17 -21.24 1.55
C TRP A 46 10.16 -22.07 2.32
N VAL A 47 9.92 -21.67 3.58
CA VAL A 47 8.97 -22.37 4.45
C VAL A 47 7.69 -21.54 4.64
N SER A 48 7.82 -20.34 5.20
CA SER A 48 6.59 -19.67 5.63
C SER A 48 6.77 -18.16 5.65
N SER A 49 5.67 -17.45 5.46
CA SER A 49 5.65 -15.99 5.58
C SER A 49 4.60 -15.60 6.61
N ILE A 50 4.95 -14.64 7.47
CA ILE A 50 4.02 -14.02 8.40
C ILE A 50 4.23 -12.51 8.33
N THR A 51 3.13 -11.77 8.32
CA THR A 51 3.19 -10.31 8.26
C THR A 51 3.24 -9.79 9.70
N GLY A 52 3.10 -8.46 9.87
CA GLY A 52 3.32 -7.77 11.13
C GLY A 52 2.62 -8.30 12.37
N GLY A 53 1.29 -8.22 12.41
CA GLY A 53 0.61 -8.92 13.48
C GLY A 53 -0.45 -9.92 13.04
N GLY A 54 -0.11 -11.20 13.14
CA GLY A 54 -1.00 -12.35 13.18
C GLY A 54 -2.26 -12.44 12.34
N ASN A 55 -2.28 -11.91 11.12
CA ASN A 55 -3.54 -12.14 10.40
C ASN A 55 -3.37 -12.62 8.95
N TYR A 56 -2.28 -12.26 8.29
CA TYR A 56 -2.06 -12.60 6.88
C TYR A 56 -0.80 -13.44 6.78
N ILE A 57 -0.98 -14.75 6.90
CA ILE A 57 0.13 -15.69 6.83
C ILE A 57 -0.02 -16.52 5.57
N SER A 58 1.08 -17.15 5.15
CA SER A 58 1.00 -18.13 4.09
C SER A 58 2.15 -19.13 4.20
N TYR A 59 1.96 -20.29 3.59
CA TYR A 59 2.86 -21.41 3.67
C TYR A 59 3.19 -21.91 2.27
N ALA A 60 4.27 -22.68 2.17
CA ALA A 60 4.55 -23.41 0.94
C ALA A 60 3.58 -24.58 0.82
N ASP A 61 3.36 -25.01 -0.43
CA ASP A 61 2.38 -26.05 -0.70
C ASP A 61 2.80 -27.40 -0.11
N SER A 62 4.11 -27.64 0.01
CA SER A 62 4.57 -28.89 0.60
C SER A 62 4.34 -28.92 2.10
N VAL A 63 4.25 -27.77 2.74
CA VAL A 63 4.11 -27.68 4.18
C VAL A 63 2.78 -27.06 4.59
N LYS A 64 1.78 -27.11 3.71
CA LYS A 64 0.50 -26.49 3.99
C LYS A 64 -0.26 -27.29 5.04
N GLY A 65 -0.77 -26.58 6.06
CA GLY A 65 -1.59 -27.21 7.08
C GLY A 65 -0.81 -27.82 8.23
N ARG A 66 0.38 -28.34 7.94
CA ARG A 66 1.18 -29.03 8.93
C ARG A 66 1.95 -28.09 9.85
N PHE A 67 1.92 -26.79 9.59
CA PHE A 67 2.77 -25.84 10.28
C PHE A 67 1.93 -24.68 10.80
N ILE A 68 2.29 -24.19 11.99
CA ILE A 68 1.58 -23.09 12.63
C ILE A 68 2.60 -22.00 12.94
N ILE A 69 2.27 -20.76 12.60
CA ILE A 69 3.17 -19.62 12.80
C ILE A 69 2.44 -18.57 13.63
N SER A 70 3.20 -17.89 14.49
CA SER A 70 2.67 -16.80 15.30
C SER A 70 3.83 -15.92 15.76
N ARG A 71 3.49 -14.74 16.25
CA ARG A 71 4.50 -13.82 16.76
C ARG A 71 3.88 -12.92 17.82
N ASP A 72 4.65 -12.62 18.85
CA ASP A 72 4.24 -11.70 19.91
C ASP A 72 5.11 -10.46 19.77
N ASN A 73 4.47 -9.33 19.47
CA ASN A 73 5.19 -8.08 19.37
C ASN A 73 5.55 -7.52 20.75
N GLY A 74 4.70 -7.80 21.75
CA GLY A 74 4.98 -7.31 23.09
C GLY A 74 6.18 -7.99 23.71
N ARG A 75 6.27 -9.31 23.58
CA ARG A 75 7.44 -10.04 24.07
C ARG A 75 8.62 -9.90 23.13
N ASN A 76 8.39 -9.43 21.90
CA ASN A 76 9.39 -9.40 20.82
C ASN A 76 9.94 -10.80 20.57
N SER A 77 9.04 -11.69 20.16
CA SER A 77 9.38 -13.09 19.98
C SER A 77 8.54 -13.69 18.85
N LEU A 78 9.03 -14.80 18.33
CA LEU A 78 8.44 -15.48 17.17
C LEU A 78 8.29 -16.96 17.50
N SER A 79 7.17 -17.55 17.09
CA SER A 79 6.82 -18.90 17.50
C SER A 79 6.36 -19.72 16.30
N LEU A 80 6.87 -20.95 16.20
CA LEU A 80 6.41 -21.90 15.19
C LEU A 80 6.12 -23.24 15.85
N GLN A 81 4.93 -23.78 15.58
CA GLN A 81 4.59 -25.14 15.95
C GLN A 81 4.72 -26.02 14.72
N MET A 82 5.51 -27.08 14.82
CA MET A 82 5.80 -27.97 13.71
C MET A 82 5.26 -29.36 14.04
N SER A 83 4.49 -29.92 13.11
CA SER A 83 3.63 -31.07 13.41
C SER A 83 3.48 -31.94 12.19
N SER A 84 3.11 -33.21 12.44
CA SER A 84 2.74 -34.20 11.41
C SER A 84 3.89 -34.41 10.41
N LEU A 85 4.99 -34.92 10.95
CA LEU A 85 6.25 -34.91 10.23
C LEU A 85 6.41 -36.13 9.32
N ARG A 86 7.21 -35.93 8.27
CA ARG A 86 7.79 -37.01 7.49
C ARG A 86 9.27 -36.73 7.29
N VAL A 87 10.01 -37.79 6.97
CA VAL A 87 11.44 -37.89 7.31
C VAL A 87 12.29 -36.89 6.55
N ASP A 88 11.81 -36.36 5.42
CA ASP A 88 12.64 -35.50 4.59
C ASP A 88 12.69 -34.05 5.08
N ASP A 89 12.15 -33.76 6.27
CA ASP A 89 12.17 -32.39 6.78
C ASP A 89 13.44 -32.05 7.55
N THR A 90 14.40 -32.97 7.59
CA THR A 90 15.67 -32.71 8.28
C THR A 90 16.40 -31.54 7.63
N ALA A 91 16.54 -30.45 8.37
CA ALA A 91 17.11 -29.22 7.82
C ALA A 91 17.53 -28.25 8.91
N VAL A 92 18.25 -27.20 8.51
CA VAL A 92 18.57 -26.08 9.40
C VAL A 92 17.63 -24.95 9.10
N TYR A 93 16.99 -24.41 10.12
CA TYR A 93 15.93 -23.40 9.96
C TYR A 93 16.48 -22.02 10.28
N TYR A 94 16.02 -21.03 9.51
CA TYR A 94 16.44 -19.64 9.62
C TYR A 94 15.21 -18.74 9.77
N CYS A 95 15.23 -17.89 10.81
CA CYS A 95 14.38 -16.72 10.87
C CYS A 95 15.00 -15.62 10.04
N VAL A 96 14.21 -14.97 9.18
CA VAL A 96 14.71 -13.85 8.39
C VAL A 96 13.72 -12.69 8.46
N ARG A 97 14.26 -11.48 8.47
CA ARG A 97 13.50 -10.24 8.44
C ARG A 97 13.18 -9.84 7.00
N GLY A 98 12.21 -8.95 6.87
CA GLY A 98 11.60 -8.62 5.60
C GLY A 98 11.74 -7.17 5.18
N LEU A 99 12.95 -6.61 5.27
CA LEU A 99 13.21 -5.25 4.83
C LEU A 99 12.78 -5.06 3.38
N SER A 100 11.73 -4.27 3.18
CA SER A 100 11.01 -4.22 1.92
C SER A 100 11.52 -3.06 1.08
N GLY A 101 11.13 -3.05 -0.19
CA GLY A 101 11.54 -1.99 -1.09
C GLY A 101 10.51 -0.90 -1.26
N VAL A 102 10.26 -0.51 -2.50
CA VAL A 102 9.34 0.58 -2.80
C VAL A 102 8.00 -0.04 -3.21
N MET A 103 7.86 -1.34 -2.96
CA MET A 103 6.69 -2.07 -3.44
C MET A 103 6.43 -3.24 -2.51
N GLY A 104 5.51 -4.11 -2.91
CA GLY A 104 5.18 -5.28 -2.12
C GLY A 104 6.26 -6.34 -2.09
N VAL A 105 7.21 -6.27 -3.03
CA VAL A 105 8.34 -7.19 -3.01
C VAL A 105 9.22 -6.91 -1.80
N THR A 106 9.83 -7.97 -1.26
CA THR A 106 10.78 -7.82 -0.17
C THR A 106 11.88 -8.87 -0.32
N TRP A 107 13.05 -8.57 0.22
CA TRP A 107 14.19 -9.49 0.19
C TRP A 107 14.57 -9.85 1.61
N PHE A 108 14.91 -11.12 1.80
CA PHE A 108 15.40 -11.57 3.09
C PHE A 108 16.78 -10.96 3.35
N ASP A 109 16.99 -10.50 4.57
CA ASP A 109 18.28 -9.94 4.97
C ASP A 109 18.41 -10.07 6.48
N SER A 110 19.64 -9.88 6.96
CA SER A 110 20.03 -10.02 8.38
C SER A 110 19.53 -11.34 8.95
N TRP A 111 20.11 -12.41 8.42
CA TRP A 111 19.66 -13.76 8.71
C TRP A 111 20.18 -14.23 10.06
N GLY A 112 19.44 -15.16 10.67
CA GLY A 112 19.88 -15.78 11.90
C GLY A 112 20.91 -16.86 11.68
N GLN A 113 21.48 -17.35 12.78
CA GLN A 113 22.50 -18.39 12.70
C GLN A 113 21.90 -19.72 12.25
N GLY A 114 20.75 -20.08 12.81
CA GLY A 114 20.05 -21.26 12.37
C GLY A 114 19.96 -22.33 13.45
N THR A 115 18.96 -23.19 13.31
CA THR A 115 18.76 -24.29 14.26
C THR A 115 18.56 -25.58 13.48
N LEU A 116 19.32 -26.61 13.85
CA LEU A 116 19.30 -27.88 13.12
C LEU A 116 18.23 -28.79 13.68
N VAL A 117 17.48 -29.44 12.78
CA VAL A 117 16.39 -30.33 13.14
C VAL A 117 16.52 -31.61 12.32
N THR A 118 16.50 -32.76 12.99
CA THR A 118 16.50 -34.07 12.36
C THR A 118 15.17 -34.77 12.62
N VAL A 119 14.66 -35.44 11.59
CA VAL A 119 13.32 -36.03 11.62
C VAL A 119 13.39 -37.56 11.56
N SER A 120 14.22 -38.10 10.68
CA SER A 120 14.18 -39.53 10.36
C SER A 120 14.63 -40.38 11.54
N SER A 121 13.85 -41.42 11.83
CA SER A 121 14.09 -42.41 12.90
C SER A 121 14.38 -41.78 14.27
N GLN B 1 14.43 -29.73 -8.10
CA GLN B 1 13.00 -29.58 -8.35
C GLN B 1 12.58 -28.11 -8.30
N SER B 2 13.57 -27.23 -8.12
CA SER B 2 13.32 -25.80 -8.17
C SER B 2 12.97 -25.38 -9.60
N VAL B 3 11.93 -24.56 -9.74
CA VAL B 3 11.51 -24.16 -11.09
C VAL B 3 12.49 -23.14 -11.67
N LEU B 4 13.19 -22.40 -10.82
CA LEU B 4 14.22 -21.49 -11.30
C LEU B 4 15.49 -22.29 -11.59
N THR B 5 15.97 -22.21 -12.82
CA THR B 5 17.05 -23.03 -13.31
C THR B 5 18.29 -22.19 -13.54
N GLN B 6 19.45 -22.74 -13.16
CA GLN B 6 20.74 -22.08 -13.35
C GLN B 6 21.82 -23.15 -13.30
N PRO B 7 22.84 -23.05 -14.15
CA PRO B 7 23.84 -24.12 -14.25
C PRO B 7 24.81 -24.11 -13.08
N PRO B 8 24.88 -25.21 -12.32
CA PRO B 8 25.82 -25.30 -11.19
C PRO B 8 27.20 -25.85 -11.61
N SER B 9 27.78 -25.28 -12.65
CA SER B 9 29.03 -25.79 -13.21
C SER B 9 29.95 -24.66 -13.62
N VAL B 10 30.22 -23.74 -12.69
CA VAL B 10 31.06 -22.57 -12.97
C VAL B 10 32.23 -22.55 -11.99
N SER B 11 33.42 -22.25 -12.53
CA SER B 11 34.68 -22.11 -11.81
C SER B 11 35.68 -21.52 -12.80
N GLY B 12 36.87 -21.20 -12.30
CA GLY B 12 37.93 -20.77 -13.20
C GLY B 12 39.04 -20.07 -12.46
N ALA B 13 39.89 -19.42 -13.27
CA ALA B 13 41.06 -18.73 -12.79
C ALA B 13 40.67 -17.40 -12.12
N PRO B 14 41.53 -16.86 -11.25
CA PRO B 14 41.25 -15.53 -10.70
C PRO B 14 41.32 -14.44 -11.74
N GLY B 15 40.53 -13.38 -11.51
CA GLY B 15 40.66 -12.15 -12.27
C GLY B 15 39.64 -11.91 -13.37
N GLN B 16 39.32 -12.94 -14.15
CA GLN B 16 38.53 -12.75 -15.36
C GLN B 16 37.04 -12.68 -15.01
N ARG B 17 36.21 -12.56 -16.05
CA ARG B 17 34.77 -12.45 -15.89
C ARG B 17 34.15 -13.83 -15.80
N VAL B 18 33.21 -14.00 -14.87
CA VAL B 18 32.36 -15.19 -14.83
C VAL B 18 30.91 -14.73 -14.79
N THR B 19 30.05 -15.48 -15.49
CA THR B 19 28.68 -15.07 -15.75
C THR B 19 27.73 -16.15 -15.26
N ILE B 20 26.68 -15.75 -14.56
CA ILE B 20 25.64 -16.64 -14.05
C ILE B 20 24.34 -16.30 -14.73
N SER B 21 23.66 -17.30 -15.27
CA SER B 21 22.39 -17.13 -15.96
C SER B 21 21.28 -17.78 -15.13
N CYS B 22 20.25 -16.99 -14.80
CA CYS B 22 19.13 -17.45 -13.99
C CYS B 22 17.86 -17.18 -14.79
N THR B 23 17.15 -18.24 -15.17
CA THR B 23 16.04 -18.12 -16.11
C THR B 23 14.84 -18.92 -15.63
N GLY B 24 13.66 -18.31 -15.74
CA GLY B 24 12.40 -18.93 -15.42
C GLY B 24 11.42 -18.81 -16.58
N SER B 25 10.15 -18.65 -16.23
CA SER B 25 9.07 -18.49 -17.18
C SER B 25 8.38 -17.14 -16.96
N SER B 26 7.32 -16.90 -17.73
CA SER B 26 6.60 -15.63 -17.64
C SER B 26 5.90 -15.48 -16.30
N SER B 27 5.34 -16.58 -15.77
CA SER B 27 4.71 -16.52 -14.46
C SER B 27 5.76 -16.36 -13.36
N ASN B 28 6.96 -16.92 -13.57
CA ASN B 28 8.04 -16.74 -12.61
C ASN B 28 8.48 -15.29 -12.53
N ILE B 29 9.00 -14.75 -13.62
CA ILE B 29 9.61 -13.43 -13.59
C ILE B 29 8.71 -12.43 -14.30
N GLY B 30 8.48 -12.66 -15.60
CA GLY B 30 7.69 -11.73 -16.38
C GLY B 30 8.37 -10.38 -16.48
N ALA B 31 7.61 -9.32 -16.22
CA ALA B 31 8.16 -7.98 -16.15
C ALA B 31 7.58 -7.17 -14.98
N GLY B 32 6.70 -7.77 -14.17
CA GLY B 32 6.14 -7.05 -13.04
C GLY B 32 7.15 -6.76 -11.95
N PHE B 33 8.00 -7.73 -11.64
CA PHE B 33 8.91 -7.64 -10.50
C PHE B 33 10.26 -8.20 -10.92
N ASP B 34 11.09 -8.49 -9.92
CA ASP B 34 12.52 -8.65 -10.10
C ASP B 34 13.03 -9.94 -9.47
N VAL B 35 14.36 -10.09 -9.46
CA VAL B 35 15.04 -11.22 -8.85
C VAL B 35 16.06 -10.69 -7.83
N HIS B 36 16.16 -11.36 -6.70
CA HIS B 36 17.14 -11.03 -5.67
C HIS B 36 18.05 -12.22 -5.48
N TRP B 37 19.34 -11.96 -5.33
CA TRP B 37 20.39 -12.97 -5.30
C TRP B 37 21.08 -12.98 -3.96
N TYR B 38 21.35 -14.19 -3.47
CA TYR B 38 21.94 -14.43 -2.16
C TYR B 38 23.21 -15.25 -2.32
N GLN B 39 24.24 -14.88 -1.57
CA GLN B 39 25.49 -15.63 -1.52
C GLN B 39 25.56 -16.39 -0.20
N HIS B 40 26.26 -17.52 -0.22
CA HIS B 40 26.35 -18.39 0.95
C HIS B 40 27.72 -19.02 1.00
N LEU B 41 28.58 -18.51 1.89
CA LEU B 41 29.80 -19.28 2.10
C LEU B 41 29.55 -20.31 3.20
N PRO B 42 30.21 -21.47 3.12
CA PRO B 42 30.05 -22.48 4.19
C PRO B 42 30.63 -21.99 5.51
N GLY B 43 30.05 -22.48 6.60
CA GLY B 43 30.49 -22.13 7.94
C GLY B 43 29.88 -20.87 8.51
N LYS B 44 29.02 -20.18 7.76
CA LYS B 44 28.43 -18.95 8.23
C LYS B 44 27.03 -18.80 7.64
N ALA B 45 26.21 -18.00 8.29
CA ALA B 45 24.86 -17.76 7.81
C ALA B 45 24.91 -16.95 6.51
N PRO B 46 24.15 -17.34 5.48
CA PRO B 46 24.18 -16.60 4.22
C PRO B 46 23.60 -15.21 4.37
N LYS B 47 24.07 -14.30 3.52
CA LYS B 47 23.63 -12.92 3.49
C LYS B 47 23.19 -12.56 2.08
N VAL B 48 22.38 -11.50 1.98
CA VAL B 48 21.97 -11.02 0.67
C VAL B 48 23.17 -10.39 -0.04
N ILE B 49 23.32 -10.70 -1.33
CA ILE B 49 24.41 -10.16 -2.10
C ILE B 49 23.95 -9.09 -3.09
N ILE B 50 22.75 -9.21 -3.68
CA ILE B 50 22.24 -8.11 -4.49
C ILE B 50 20.72 -8.18 -4.50
N TYR B 51 20.09 -7.00 -4.47
CA TYR B 51 18.65 -6.85 -4.56
C TYR B 51 18.31 -5.75 -5.56
N GLU B 52 17.11 -5.85 -6.14
CA GLU B 52 16.54 -4.94 -7.13
C GLU B 52 17.39 -4.94 -8.42
N ASN B 53 18.22 -5.99 -8.58
CA ASN B 53 19.07 -6.35 -9.72
C ASN B 53 20.27 -5.43 -9.89
N SER B 54 20.30 -4.30 -9.17
CA SER B 54 21.44 -3.40 -9.24
C SER B 54 21.87 -2.80 -7.92
N HIS B 55 21.00 -2.72 -6.92
CA HIS B 55 21.26 -1.91 -5.73
C HIS B 55 22.20 -2.66 -4.80
N ARG B 56 23.48 -2.32 -4.88
CA ARG B 56 24.47 -2.88 -3.97
C ARG B 56 24.28 -2.28 -2.59
N PRO B 57 24.09 -3.08 -1.55
CA PRO B 57 23.96 -2.55 -0.19
C PRO B 57 25.34 -2.20 0.37
N SER B 58 25.36 -1.82 1.64
CA SER B 58 26.62 -1.54 2.31
C SER B 58 27.38 -2.83 2.55
N GLY B 59 28.71 -2.76 2.40
CA GLY B 59 29.54 -3.91 2.69
C GLY B 59 29.75 -4.88 1.55
N VAL B 60 29.59 -4.45 0.30
CA VAL B 60 29.89 -5.30 -0.84
C VAL B 60 30.77 -4.52 -1.81
N PRO B 61 31.81 -5.14 -2.38
CA PRO B 61 32.62 -4.45 -3.39
C PRO B 61 31.86 -4.25 -4.68
N ASP B 62 32.33 -3.29 -5.47
CA ASP B 62 31.72 -2.98 -6.77
C ASP B 62 32.14 -3.95 -7.87
N ARG B 63 32.85 -5.03 -7.53
CA ARG B 63 33.19 -6.04 -8.51
C ARG B 63 31.98 -6.82 -8.98
N PHE B 64 30.88 -6.77 -8.23
CA PHE B 64 29.71 -7.60 -8.46
C PHE B 64 28.70 -6.79 -9.28
N PHE B 65 28.29 -7.32 -10.43
CA PHE B 65 27.33 -6.62 -11.27
C PHE B 65 26.19 -7.57 -11.64
N GLY B 66 24.97 -7.04 -11.63
CA GLY B 66 23.82 -7.84 -11.96
C GLY B 66 22.89 -7.11 -12.90
N SER B 67 22.09 -7.88 -13.63
CA SER B 67 21.12 -7.31 -14.55
C SER B 67 19.99 -8.30 -14.75
N LYS B 68 18.83 -7.78 -15.16
CA LYS B 68 17.72 -8.62 -15.57
C LYS B 68 17.15 -8.06 -16.87
N SER B 69 16.67 -8.95 -17.73
CA SER B 69 16.12 -8.55 -19.01
C SER B 69 15.25 -9.68 -19.54
N GLY B 70 14.04 -9.33 -20.00
CA GLY B 70 13.11 -10.34 -20.46
C GLY B 70 12.68 -11.24 -19.33
N THR B 71 13.20 -12.47 -19.32
CA THR B 71 12.93 -13.42 -18.26
C THR B 71 14.27 -13.94 -17.71
N SER B 72 15.37 -13.44 -18.26
CA SER B 72 16.70 -13.96 -17.95
C SER B 72 17.49 -12.93 -17.17
N ALA B 73 18.19 -13.40 -16.13
CA ALA B 73 18.96 -12.55 -15.24
C ALA B 73 20.42 -12.98 -15.28
N SER B 74 21.32 -11.99 -15.31
CA SER B 74 22.74 -12.22 -15.56
C SER B 74 23.59 -11.62 -14.46
N LEU B 75 24.52 -12.42 -13.96
CA LEU B 75 25.53 -12.00 -12.98
C LEU B 75 26.89 -11.95 -13.66
N SER B 76 27.61 -10.86 -13.44
CA SER B 76 28.98 -10.69 -13.91
C SER B 76 29.89 -10.43 -12.72
N ILE B 77 30.89 -11.29 -12.55
CA ILE B 77 31.83 -11.18 -11.44
C ILE B 77 33.23 -11.10 -12.02
N SER B 78 34.03 -10.13 -11.57
CA SER B 78 35.38 -9.93 -12.05
C SER B 78 36.29 -9.68 -10.85
N GLY B 79 37.59 -9.89 -11.04
CA GLY B 79 38.55 -9.69 -9.98
C GLY B 79 38.40 -10.70 -8.86
N LEU B 80 38.63 -11.98 -9.17
CA LEU B 80 38.38 -13.05 -8.22
C LEU B 80 39.51 -13.27 -7.23
N GLN B 81 39.58 -12.48 -6.15
CA GLN B 81 40.42 -12.88 -5.04
C GLN B 81 39.79 -14.11 -4.39
N PRO B 82 40.61 -15.07 -3.90
CA PRO B 82 40.08 -16.41 -3.55
C PRO B 82 38.96 -16.48 -2.51
N GLU B 83 38.75 -15.40 -1.74
CA GLU B 83 37.78 -15.45 -0.65
C GLU B 83 36.33 -15.46 -1.14
N ASP B 84 36.07 -15.18 -2.41
CA ASP B 84 34.69 -15.14 -2.91
C ASP B 84 34.28 -16.51 -3.48
N GLU B 85 34.46 -17.53 -2.65
CA GLU B 85 34.09 -18.91 -2.96
C GLU B 85 32.80 -19.23 -2.20
N ALA B 86 31.71 -19.47 -2.92
CA ALA B 86 30.41 -19.53 -2.25
C ALA B 86 29.38 -20.17 -3.18
N ASP B 87 28.17 -20.35 -2.65
CA ASP B 87 27.02 -20.76 -3.43
C ASP B 87 26.14 -19.55 -3.69
N TYR B 88 25.49 -19.54 -4.84
CA TYR B 88 24.66 -18.41 -5.27
C TYR B 88 23.24 -18.91 -5.54
N TYR B 89 22.26 -18.10 -5.14
CA TYR B 89 20.85 -18.46 -5.25
C TYR B 89 20.03 -17.27 -5.72
N CYS B 90 18.96 -17.55 -6.47
CA CYS B 90 17.98 -16.59 -6.92
C CYS B 90 16.72 -16.67 -6.06
N GLN B 91 15.85 -15.66 -6.19
CA GLN B 91 14.50 -15.81 -5.63
C GLN B 91 13.51 -15.21 -6.61
N SER B 92 12.25 -15.64 -6.52
CA SER B 92 11.21 -15.17 -7.43
C SER B 92 9.86 -15.31 -6.73
N TYR B 93 8.84 -14.66 -7.29
CA TYR B 93 7.47 -14.65 -6.78
C TYR B 93 6.47 -15.15 -7.81
N ASP B 94 6.71 -16.35 -8.36
CA ASP B 94 5.72 -16.95 -9.25
C ASP B 94 4.38 -17.15 -8.55
N ARG B 95 3.30 -17.03 -9.33
CA ARG B 95 1.95 -16.90 -8.79
C ARG B 95 1.35 -18.20 -8.29
N GLY B 96 2.13 -19.25 -8.04
CA GLY B 96 1.59 -20.44 -7.40
C GLY B 96 1.56 -20.35 -5.88
N LEU B 97 1.42 -19.12 -5.37
CA LEU B 97 1.33 -18.83 -3.93
C LEU B 97 2.54 -19.34 -3.18
N ASP B 98 3.73 -19.10 -3.75
CA ASP B 98 4.96 -19.66 -3.20
C ASP B 98 6.13 -18.79 -3.60
N TRP B 99 7.09 -18.68 -2.67
CA TRP B 99 8.27 -17.82 -2.82
C TRP B 99 9.48 -18.69 -3.19
N VAL B 100 9.51 -19.09 -4.46
CA VAL B 100 10.43 -20.13 -4.89
C VAL B 100 11.83 -19.55 -5.05
N PHE B 101 12.83 -20.32 -4.62
CA PHE B 101 14.24 -19.98 -4.81
C PHE B 101 14.76 -20.54 -6.12
N GLY B 102 16.08 -20.52 -6.28
CA GLY B 102 16.74 -21.12 -7.42
C GLY B 102 17.34 -22.48 -7.09
N GLY B 103 18.02 -23.04 -8.09
CA GLY B 103 18.64 -24.35 -7.93
C GLY B 103 19.96 -24.36 -7.21
N GLY B 104 20.57 -23.21 -6.98
CA GLY B 104 21.85 -23.14 -6.30
C GLY B 104 23.02 -23.42 -7.22
N THR B 105 24.06 -22.58 -7.15
CA THR B 105 25.24 -22.78 -7.99
C THR B 105 26.50 -22.61 -7.17
N LYS B 106 27.40 -23.60 -7.25
CA LYS B 106 28.70 -23.54 -6.61
C LYS B 106 29.64 -22.66 -7.43
N LEU B 107 30.47 -21.86 -6.74
CA LEU B 107 31.52 -21.10 -7.38
C LEU B 107 32.79 -21.19 -6.55
N THR B 108 33.83 -21.74 -7.17
CA THR B 108 35.16 -21.89 -6.60
C THR B 108 36.18 -21.34 -7.58
N VAL B 109 37.37 -21.03 -7.05
CA VAL B 109 38.49 -20.51 -7.83
C VAL B 109 39.64 -21.48 -7.71
N LEU B 110 40.22 -21.87 -8.85
CA LEU B 110 41.36 -22.77 -8.86
C LEU B 110 42.60 -22.04 -8.33
N LEU C 19 -8.51 -1.33 20.43
CA LEU C 19 -7.75 -0.09 20.23
C LEU C 19 -7.16 0.40 21.55
N LYS C 20 -6.19 1.30 21.45
CA LYS C 20 -5.58 1.94 22.61
C LYS C 20 -5.72 3.45 22.47
N GLU C 21 -6.26 4.09 23.50
CA GLU C 21 -6.35 5.53 23.55
C GLU C 21 -5.55 6.04 24.74
N SER C 22 -4.70 7.04 24.52
CA SER C 22 -3.95 7.65 25.61
C SER C 22 -4.13 9.17 25.56
N TYR C 23 -4.56 9.73 26.67
CA TYR C 23 -4.85 11.15 26.81
C TYR C 23 -3.75 11.82 27.62
N LEU C 24 -2.97 12.68 26.98
CA LEU C 24 -1.89 13.40 27.63
C LEU C 24 -2.39 14.75 28.10
N GLU C 25 -2.39 14.96 29.42
CA GLU C 25 -2.88 16.21 30.00
C GLU C 25 -1.88 17.34 29.81
N GLU C 26 -0.58 17.03 29.91
CA GLU C 26 0.43 18.08 29.98
C GLU C 26 0.64 18.80 28.65
N SER C 27 0.13 18.24 27.55
CA SER C 27 0.13 18.95 26.28
C SER C 27 -1.26 19.09 25.69
N CYS C 28 -2.30 18.66 26.41
CA CYS C 28 -3.70 18.68 25.95
C CYS C 28 -3.84 17.94 24.63
N SER C 29 -3.43 16.68 24.61
CA SER C 29 -3.40 15.91 23.38
C SER C 29 -4.01 14.53 23.60
N THR C 30 -4.43 13.92 22.49
CA THR C 30 -4.90 12.55 22.48
C THR C 30 -4.14 11.79 21.40
N ILE C 31 -3.79 10.55 21.71
CA ILE C 31 -3.16 9.65 20.74
C ILE C 31 -3.96 8.36 20.69
N THR C 32 -4.22 7.88 19.47
CA THR C 32 -4.98 6.65 19.27
C THR C 32 -4.14 5.71 18.44
N GLU C 33 -3.80 4.56 19.01
CA GLU C 33 -3.00 3.55 18.34
C GLU C 33 -3.73 2.21 18.39
N GLY C 34 -3.15 1.21 17.72
CA GLY C 34 -3.76 -0.09 17.60
C GLY C 34 -4.34 -0.37 16.24
N TYR C 35 -4.31 0.60 15.33
CA TYR C 35 -4.81 0.40 13.98
C TYR C 35 -3.84 -0.45 13.17
N LEU C 36 -4.29 -0.85 11.98
CA LEU C 36 -3.49 -1.69 11.09
C LEU C 36 -3.30 -0.95 9.76
N SER C 37 -2.09 -1.04 9.21
CA SER C 37 -1.69 -0.15 8.12
C SER C 37 -2.08 -0.73 6.77
N VAL C 38 -2.53 0.16 5.88
CA VAL C 38 -2.57 -0.13 4.45
C VAL C 38 -2.01 1.09 3.75
N LEU C 39 -0.81 0.97 3.18
CA LEU C 39 -0.16 2.09 2.52
C LEU C 39 -0.33 1.96 1.02
N ARG C 40 -1.07 2.89 0.43
CA ARG C 40 -1.17 2.96 -1.03
C ARG C 40 0.16 3.44 -1.59
N THR C 41 0.86 2.57 -2.30
CA THR C 41 2.20 2.89 -2.74
C THR C 41 2.37 2.81 -4.25
N GLY C 42 1.84 1.78 -4.90
CA GLY C 42 2.09 1.65 -6.32
C GLY C 42 0.88 1.97 -7.18
N TRP C 43 1.10 2.16 -8.48
CA TRP C 43 0.01 2.37 -9.42
C TRP C 43 0.12 1.34 -10.52
N TYR C 44 -0.95 0.59 -10.74
CA TYR C 44 -0.99 -0.40 -11.81
C TYR C 44 -1.80 0.18 -12.96
N THR C 45 -1.18 0.29 -14.12
CA THR C 45 -1.84 0.80 -15.31
C THR C 45 -2.62 -0.35 -15.93
N ASN C 46 -3.89 -0.12 -16.24
CA ASN C 46 -4.77 -1.13 -16.80
C ASN C 46 -5.49 -0.54 -18.00
N VAL C 47 -5.22 -1.10 -19.18
CA VAL C 47 -5.76 -0.58 -20.43
C VAL C 47 -6.88 -1.49 -20.90
N PHE C 48 -8.02 -0.88 -21.24
CA PHE C 48 -9.16 -1.59 -21.79
C PHE C 48 -9.48 -1.04 -23.18
N THR C 49 -9.97 -1.93 -24.03
CA THR C 49 -10.53 -1.54 -25.31
C THR C 49 -11.87 -2.23 -25.53
N LEU C 50 -12.77 -1.51 -26.19
CA LEU C 50 -14.06 -2.05 -26.59
C LEU C 50 -14.30 -1.62 -28.03
N GLU C 51 -14.62 -2.58 -28.89
CA GLU C 51 -14.73 -2.31 -30.31
C GLU C 51 -16.18 -2.40 -30.77
N VAL C 52 -16.54 -1.52 -31.70
CA VAL C 52 -17.92 -1.37 -32.09
C VAL C 52 -18.18 -1.85 -33.52
N GLY C 53 -17.27 -1.57 -34.46
CA GLY C 53 -17.39 -2.12 -35.80
C GLY C 53 -17.65 -1.10 -36.89
N ASP C 54 -18.39 -1.52 -37.91
CA ASP C 54 -18.67 -0.71 -39.08
C ASP C 54 -20.02 -0.01 -38.98
N VAL C 55 -20.39 0.43 -37.77
CA VAL C 55 -21.61 1.19 -37.54
C VAL C 55 -21.56 2.52 -38.27
N GLU C 56 -20.35 3.03 -38.55
CA GLU C 56 -20.20 4.25 -39.34
C GLU C 56 -20.76 4.09 -40.75
N ASN C 57 -20.75 2.87 -41.29
CA ASN C 57 -21.36 2.59 -42.58
C ASN C 57 -22.79 2.07 -42.47
N LEU C 58 -23.32 1.97 -41.26
CA LEU C 58 -24.69 1.55 -41.02
C LEU C 58 -25.56 2.78 -40.88
N THR C 59 -26.64 2.85 -41.67
CA THR C 59 -27.48 4.03 -41.69
C THR C 59 -28.94 3.59 -41.69
N CYS C 60 -29.78 4.36 -41.01
CA CYS C 60 -31.23 4.15 -41.01
C CYS C 60 -31.87 5.21 -41.89
N ALA C 61 -32.64 4.77 -42.88
CA ALA C 61 -33.27 5.67 -43.84
C ALA C 61 -34.74 5.32 -44.10
N ASP C 62 -35.37 4.52 -43.25
CA ASP C 62 -36.76 4.10 -43.43
C ASP C 62 -37.71 4.82 -42.46
N GLY C 63 -37.32 5.98 -41.96
CA GLY C 63 -38.14 6.72 -41.03
C GLY C 63 -37.74 6.47 -39.59
N PRO C 64 -38.47 7.07 -38.66
CA PRO C 64 -38.11 6.94 -37.23
C PRO C 64 -38.36 5.53 -36.71
N SER C 65 -37.49 5.11 -35.80
CA SER C 65 -37.59 3.79 -35.17
C SER C 65 -36.81 3.84 -33.86
N LEU C 66 -37.13 2.92 -32.97
CA LEU C 66 -36.36 2.78 -31.73
C LEU C 66 -34.93 2.36 -32.02
N ILE C 67 -34.75 1.45 -32.98
CA ILE C 67 -33.43 1.02 -33.41
C ILE C 67 -32.66 2.20 -34.00
N LYS C 68 -33.35 3.02 -34.80
CA LYS C 68 -32.73 4.21 -35.38
C LYS C 68 -32.27 5.19 -34.31
N THR C 69 -33.11 5.43 -33.30
CA THR C 69 -32.76 6.41 -32.28
C THR C 69 -31.63 5.91 -31.39
N GLU C 70 -31.62 4.62 -31.04
CA GLU C 70 -30.52 4.12 -30.21
C GLU C 70 -29.22 4.04 -31.01
N LEU C 71 -29.31 3.74 -32.31
CA LEU C 71 -28.12 3.76 -33.15
C LEU C 71 -27.57 5.17 -33.29
N ASP C 72 -28.46 6.16 -33.42
CA ASP C 72 -28.02 7.56 -33.49
C ASP C 72 -27.43 8.01 -32.16
N LEU C 73 -27.97 7.50 -31.05
CA LEU C 73 -27.38 7.79 -29.74
C LEU C 73 -25.96 7.23 -29.65
N THR C 74 -25.75 6.01 -30.15
CA THR C 74 -24.41 5.44 -30.19
C THR C 74 -23.47 6.24 -31.08
N LYS C 75 -23.96 6.64 -32.27
CA LYS C 75 -23.17 7.46 -33.18
C LYS C 75 -22.76 8.78 -32.55
N SER C 76 -23.73 9.47 -31.94
CA SER C 76 -23.44 10.77 -31.34
C SER C 76 -22.49 10.63 -30.16
N ALA C 77 -22.64 9.56 -29.38
CA ALA C 77 -21.75 9.33 -28.24
C ALA C 77 -20.32 9.11 -28.70
N LEU C 78 -20.13 8.22 -29.69
CA LEU C 78 -18.77 7.96 -30.15
C LEU C 78 -18.18 9.15 -30.89
N ARG C 79 -19.02 9.99 -31.51
CA ARG C 79 -18.50 11.17 -32.17
C ARG C 79 -18.08 12.24 -31.17
N GLU C 80 -18.89 12.47 -30.13
CA GLU C 80 -18.52 13.48 -29.14
C GLU C 80 -17.42 12.98 -28.21
N LEU C 81 -17.15 11.67 -28.19
CA LEU C 81 -16.03 11.17 -27.42
C LEU C 81 -14.69 11.63 -28.00
N ARG C 82 -14.66 11.95 -29.30
CA ARG C 82 -13.41 12.35 -29.94
C ARG C 82 -12.94 13.72 -29.47
N THR C 83 -13.86 14.57 -28.99
CA THR C 83 -13.47 15.92 -28.56
C THR C 83 -12.60 15.85 -27.31
N VAL C 84 -12.86 14.90 -26.43
CA VAL C 84 -12.01 14.70 -25.27
C VAL C 84 -10.71 14.04 -25.74
N SER C 85 -9.59 14.72 -25.52
CA SER C 85 -8.31 14.23 -26.04
C SER C 85 -7.20 14.42 -25.02
N ALA C 86 -7.53 14.36 -23.73
CA ALA C 86 -6.61 14.41 -22.58
C ALA C 86 -5.83 15.73 -22.47
N ASP C 87 -5.12 15.89 -21.36
CA ASP C 87 -4.41 17.13 -20.97
C ASP C 87 -5.44 18.25 -20.97
N GLN C 88 -5.21 19.36 -21.67
CA GLN C 88 -6.23 20.41 -21.81
C GLN C 88 -7.04 20.21 -23.09
N LEU C 89 -7.56 18.99 -23.27
CA LEU C 89 -8.27 18.55 -24.47
C LEU C 89 -7.45 18.84 -25.74
N ALA C 90 -6.29 18.20 -25.79
CA ALA C 90 -5.28 18.38 -26.85
C ALA C 90 -4.88 19.84 -27.03
N PHE C 103 8.18 26.09 8.97
CA PHE C 103 7.53 25.64 7.75
C PHE C 103 6.11 25.15 8.04
N VAL C 104 5.20 25.42 7.11
CA VAL C 104 3.80 24.98 7.22
C VAL C 104 3.71 23.63 6.51
N LEU C 105 3.74 22.55 7.29
CA LEU C 105 3.74 21.21 6.71
C LEU C 105 2.39 20.88 6.07
N GLY C 106 1.30 21.39 6.66
CA GLY C 106 -0.01 21.10 6.11
C GLY C 106 -0.24 21.74 4.75
N ALA C 107 0.16 23.01 4.61
CA ALA C 107 -0.06 23.71 3.35
C ALA C 107 0.91 23.25 2.27
N ILE C 108 2.10 22.79 2.68
CA ILE C 108 3.09 22.31 1.70
C ILE C 108 2.59 21.04 1.02
N ALA C 109 2.01 20.12 1.79
CA ALA C 109 1.51 18.86 1.26
C ALA C 109 0.02 18.89 0.96
N LEU C 110 -0.60 20.07 0.97
CA LEU C 110 -2.04 20.21 0.76
C LEU C 110 -2.43 19.86 -0.66
N GLY C 111 -3.09 18.71 -0.85
CA GLY C 111 -3.56 18.31 -2.16
C GLY C 111 -2.50 17.87 -3.13
N VAL C 112 -1.27 17.65 -2.66
CA VAL C 112 -0.17 17.29 -3.55
C VAL C 112 -0.30 15.85 -4.02
N ALA C 113 -0.94 14.98 -3.23
CA ALA C 113 -1.10 13.59 -3.62
C ALA C 113 -1.95 13.44 -4.88
N THR C 114 -3.05 14.19 -4.96
CA THR C 114 -3.89 14.15 -6.15
C THR C 114 -3.15 14.70 -7.37
N ALA C 115 -2.36 15.76 -7.17
CA ALA C 115 -1.57 16.32 -8.26
C ALA C 115 -0.54 15.32 -8.77
N ALA C 116 0.15 14.63 -7.86
CA ALA C 116 1.12 13.62 -8.26
C ALA C 116 0.44 12.45 -8.97
N ALA C 117 -0.75 12.06 -8.49
CA ALA C 117 -1.48 10.97 -9.11
C ALA C 117 -1.90 11.32 -10.53
N VAL C 118 -2.44 12.52 -10.74
CA VAL C 118 -2.87 12.89 -12.08
C VAL C 118 -1.67 13.17 -12.98
N THR C 119 -0.53 13.60 -12.41
CA THR C 119 0.68 13.75 -13.21
C THR C 119 1.19 12.40 -13.71
N ALA C 120 1.22 11.40 -12.82
CA ALA C 120 1.61 10.05 -13.23
C ALA C 120 0.62 9.48 -14.25
N GLY C 121 -0.67 9.74 -14.05
CA GLY C 121 -1.67 9.26 -14.99
C GLY C 121 -1.53 9.86 -16.38
N VAL C 122 -1.35 11.18 -16.45
CA VAL C 122 -1.21 11.82 -17.76
C VAL C 122 0.14 11.47 -18.39
N ALA C 123 1.16 11.19 -17.56
CA ALA C 123 2.45 10.79 -18.11
C ALA C 123 2.37 9.41 -18.76
N ILE C 124 1.78 8.44 -18.04
CA ILE C 124 1.64 7.11 -18.63
C ILE C 124 0.64 7.12 -19.77
N ALA C 125 -0.32 8.04 -19.75
CA ALA C 125 -1.25 8.19 -20.87
C ALA C 125 -0.53 8.71 -22.10
N LYS C 126 0.39 9.66 -21.93
CA LYS C 126 1.20 10.14 -23.03
C LYS C 126 2.13 9.04 -23.54
N THR C 127 2.61 8.19 -22.63
CA THR C 127 3.41 7.05 -23.05
C THR C 127 2.61 6.08 -23.92
N ILE C 128 1.35 5.81 -23.56
CA ILE C 128 0.57 4.83 -24.32
C ILE C 128 -0.24 5.44 -25.45
N ARG C 129 -0.18 6.76 -25.65
CA ARG C 129 -0.90 7.40 -26.75
C ARG C 129 0.04 7.55 -27.95
N LEU C 130 0.39 6.41 -28.53
CA LEU C 130 1.23 6.36 -29.71
C LEU C 130 0.60 5.41 -30.71
N GLU C 131 0.68 5.76 -32.00
CA GLU C 131 0.00 4.99 -33.03
C GLU C 131 0.60 3.60 -33.19
N SER C 132 1.94 3.50 -33.14
CA SER C 132 2.59 2.20 -33.20
C SER C 132 2.24 1.37 -31.98
N GLU C 133 2.17 2.00 -30.82
CA GLU C 133 1.81 1.28 -29.59
C GLU C 133 0.39 0.73 -29.65
N VAL C 134 -0.57 1.52 -30.14
CA VAL C 134 -1.94 1.04 -30.16
C VAL C 134 -2.14 0.00 -31.26
N THR C 135 -1.45 0.13 -32.41
CA THR C 135 -1.54 -0.91 -33.42
C THR C 135 -0.92 -2.22 -32.91
N ALA C 136 0.20 -2.11 -32.18
CA ALA C 136 0.83 -3.27 -31.59
C ALA C 136 -0.08 -3.93 -30.55
N ILE C 137 -0.77 -3.12 -29.74
CA ILE C 137 -1.62 -3.71 -28.72
C ILE C 137 -2.87 -4.33 -29.34
N LYS C 138 -3.34 -3.79 -30.48
CA LYS C 138 -4.46 -4.43 -31.16
C LYS C 138 -4.06 -5.76 -31.79
N ASN C 139 -2.88 -5.83 -32.41
CA ASN C 139 -2.50 -7.13 -32.97
C ASN C 139 -2.08 -8.10 -31.87
N ALA C 140 -1.67 -7.59 -30.71
CA ALA C 140 -1.32 -8.44 -29.58
C ALA C 140 -2.53 -9.00 -28.85
N LEU C 141 -3.63 -8.25 -28.77
CA LEU C 141 -4.77 -8.71 -27.98
C LEU C 141 -5.51 -9.86 -28.69
N LYS C 142 -5.68 -9.76 -30.01
CA LYS C 142 -6.50 -10.63 -30.87
C LYS C 142 -7.79 -11.11 -30.18
N LYS C 143 -7.88 -12.39 -29.84
CA LYS C 143 -9.06 -12.95 -29.17
C LYS C 143 -8.63 -13.73 -27.92
N THR C 144 -7.68 -13.18 -27.16
CA THR C 144 -7.15 -13.88 -25.99
C THR C 144 -7.45 -13.16 -24.68
N ASN C 145 -8.28 -12.11 -24.70
CA ASN C 145 -8.67 -11.33 -23.52
C ASN C 145 -7.41 -10.75 -22.88
N GLU C 146 -6.93 -11.25 -21.75
CA GLU C 146 -5.74 -10.72 -21.12
C GLU C 146 -4.49 -11.05 -21.94
N ALA C 147 -3.84 -10.00 -22.44
CA ALA C 147 -2.76 -10.09 -23.41
C ALA C 147 -1.63 -9.15 -23.02
N VAL C 148 -1.16 -9.28 -21.77
CA VAL C 148 -0.16 -8.41 -21.13
C VAL C 148 1.02 -8.08 -22.03
N SER C 149 1.42 -6.81 -22.06
CA SER C 149 2.42 -6.32 -23.00
C SER C 149 3.29 -5.29 -22.29
N THR C 150 4.16 -4.66 -23.07
CA THR C 150 5.15 -3.72 -22.56
C THR C 150 5.15 -2.47 -23.44
N LEU C 151 5.74 -1.40 -22.92
CA LEU C 151 5.79 -0.11 -23.58
C LEU C 151 7.20 0.16 -24.09
N GLY C 152 7.40 1.40 -24.59
CA GLY C 152 8.72 1.79 -25.04
C GLY C 152 9.72 1.85 -23.90
N ASN C 153 9.33 2.45 -22.77
CA ASN C 153 10.17 2.42 -21.58
C ASN C 153 9.97 1.13 -20.78
N GLY C 154 8.82 0.48 -20.93
CA GLY C 154 8.57 -0.82 -20.34
C GLY C 154 7.74 -0.75 -19.08
N VAL C 155 6.43 -0.92 -19.21
CA VAL C 155 5.49 -0.94 -18.09
C VAL C 155 4.47 -2.02 -18.38
N ARG C 156 4.16 -2.84 -17.36
CA ARG C 156 3.06 -3.78 -17.46
C ARG C 156 1.74 -3.01 -17.63
N VAL C 157 0.92 -3.46 -18.58
CA VAL C 157 -0.31 -2.74 -18.90
C VAL C 157 -1.56 -3.59 -18.81
N LEU C 158 -1.47 -4.91 -19.01
CA LEU C 158 -2.58 -5.88 -18.93
C LEU C 158 -3.67 -5.49 -19.95
N ALA C 159 -3.33 -5.70 -21.22
CA ALA C 159 -4.25 -5.44 -22.30
C ALA C 159 -5.49 -6.33 -22.19
N THR C 160 -6.67 -5.74 -22.32
CA THR C 160 -7.92 -6.49 -22.30
C THR C 160 -8.91 -5.85 -23.24
N ALA C 161 -9.63 -6.69 -23.97
CA ALA C 161 -10.71 -6.26 -24.84
C ALA C 161 -12.02 -6.85 -24.32
N VAL C 162 -13.08 -6.07 -24.46
CA VAL C 162 -14.44 -6.57 -24.26
C VAL C 162 -15.18 -6.49 -25.59
N ARG C 163 -15.74 -7.63 -26.01
CA ARG C 163 -16.16 -7.80 -27.40
C ARG C 163 -17.60 -8.28 -27.52
N GLU C 164 -18.44 -8.03 -26.51
CA GLU C 164 -19.81 -8.54 -26.55
C GLU C 164 -20.64 -7.81 -27.60
N LEU C 165 -20.40 -6.51 -27.78
CA LEU C 165 -21.16 -5.76 -28.76
C LEU C 165 -20.70 -6.07 -30.17
N LYS C 166 -19.40 -6.35 -30.35
CA LYS C 166 -18.94 -6.87 -31.64
C LYS C 166 -19.57 -8.22 -31.97
N ASP C 167 -19.67 -9.12 -30.98
CA ASP C 167 -20.31 -10.41 -31.22
C ASP C 167 -21.78 -10.24 -31.57
N PHE C 168 -22.46 -9.33 -30.88
CA PHE C 168 -23.88 -9.07 -31.15
C PHE C 168 -24.06 -8.48 -32.54
N VAL C 169 -23.22 -7.52 -32.94
CA VAL C 169 -23.42 -6.88 -34.23
C VAL C 169 -23.01 -7.81 -35.37
N SER C 170 -22.03 -8.68 -35.13
CA SER C 170 -21.58 -9.58 -36.18
C SER C 170 -22.55 -10.74 -36.38
N LYS C 171 -23.12 -11.26 -35.30
CA LYS C 171 -23.99 -12.42 -35.41
C LYS C 171 -25.44 -12.06 -35.70
N ASN C 172 -25.92 -10.92 -35.20
CA ASN C 172 -27.33 -10.57 -35.31
C ASN C 172 -27.59 -9.30 -36.11
N LEU C 173 -26.90 -8.21 -35.80
CA LEU C 173 -27.37 -6.90 -36.26
C LEU C 173 -27.13 -6.68 -37.75
N THR C 174 -25.99 -7.14 -38.28
CA THR C 174 -25.74 -6.99 -39.71
C THR C 174 -26.73 -7.81 -40.54
N ARG C 175 -27.07 -9.01 -40.08
CA ARG C 175 -28.06 -9.80 -40.77
C ARG C 175 -29.45 -9.23 -40.60
N ALA C 176 -29.69 -8.50 -39.50
CA ALA C 176 -30.99 -7.91 -39.26
C ALA C 176 -31.23 -6.71 -40.18
N ILE C 177 -30.21 -5.88 -40.38
CA ILE C 177 -30.37 -4.69 -41.21
C ILE C 177 -30.30 -5.09 -42.68
N ASN C 178 -31.25 -4.58 -43.46
CA ASN C 178 -31.34 -4.84 -44.89
C ASN C 178 -31.90 -3.60 -45.57
N LYS C 179 -31.15 -3.08 -46.55
CA LYS C 179 -31.47 -1.87 -47.33
C LYS C 179 -31.92 -0.70 -46.44
N ASN C 180 -31.24 -0.56 -45.29
CA ASN C 180 -31.47 0.50 -44.31
C ASN C 180 -32.91 0.49 -43.79
N LYS C 181 -33.41 -0.69 -43.44
CA LYS C 181 -34.74 -0.87 -42.85
C LYS C 181 -34.54 -1.12 -41.35
N CYS C 182 -34.54 -0.03 -40.57
CA CYS C 182 -34.30 -0.12 -39.14
C CYS C 182 -35.57 -0.30 -38.32
N ASP C 183 -36.74 -0.25 -38.94
CA ASP C 183 -38.00 -0.42 -38.23
C ASP C 183 -38.49 -1.86 -38.34
N ILE C 184 -37.65 -2.78 -37.88
CA ILE C 184 -37.95 -4.21 -37.91
C ILE C 184 -38.99 -4.51 -36.83
N PRO C 185 -39.81 -5.56 -36.99
CA PRO C 185 -40.79 -5.88 -35.95
C PRO C 185 -40.19 -6.53 -34.71
N ASP C 186 -38.96 -7.03 -34.78
CA ASP C 186 -38.35 -7.72 -33.66
C ASP C 186 -37.77 -6.69 -32.70
N LEU C 187 -38.52 -6.37 -31.64
CA LEU C 187 -38.05 -5.44 -30.62
C LEU C 187 -37.11 -6.11 -29.63
N LYS C 188 -37.02 -7.44 -29.65
CA LYS C 188 -36.06 -8.14 -28.80
C LYS C 188 -34.62 -7.77 -29.17
N MET C 189 -34.36 -7.66 -30.48
CA MET C 189 -33.05 -7.19 -30.93
C MET C 189 -32.78 -5.76 -30.47
N ALA C 190 -33.82 -4.92 -30.48
CA ALA C 190 -33.67 -3.54 -30.04
C ALA C 190 -33.33 -3.46 -28.55
N VAL C 191 -34.05 -4.23 -27.72
CA VAL C 191 -33.81 -4.13 -26.28
C VAL C 191 -32.50 -4.81 -25.90
N SER C 192 -32.09 -5.85 -26.65
CA SER C 192 -30.79 -6.44 -26.38
C SER C 192 -29.66 -5.50 -26.80
N PHE C 193 -29.85 -4.77 -27.90
CA PHE C 193 -28.87 -3.76 -28.28
C PHE C 193 -28.84 -2.63 -27.25
N SER C 194 -29.99 -2.31 -26.65
CA SER C 194 -30.02 -1.30 -25.59
C SER C 194 -29.23 -1.75 -24.38
N GLN C 195 -29.48 -2.96 -23.89
CA GLN C 195 -28.75 -3.45 -22.73
C GLN C 195 -27.29 -3.73 -23.04
N PHE C 196 -26.92 -3.87 -24.31
CA PHE C 196 -25.52 -4.05 -24.67
C PHE C 196 -24.79 -2.71 -24.75
N ASN C 197 -25.36 -1.73 -25.46
CA ASN C 197 -24.69 -0.45 -25.65
C ASN C 197 -24.88 0.49 -24.47
N ARG C 198 -25.67 0.10 -23.46
CA ARG C 198 -25.80 0.92 -22.26
C ARG C 198 -24.47 1.06 -21.54
N ARG C 199 -23.60 0.04 -21.62
CA ARG C 199 -22.26 0.14 -21.04
C ARG C 199 -21.44 1.23 -21.71
N PHE C 200 -21.41 1.23 -23.04
CA PHE C 200 -20.66 2.23 -23.78
C PHE C 200 -21.23 3.63 -23.56
N LEU C 201 -22.57 3.74 -23.57
CA LEU C 201 -23.20 5.03 -23.33
C LEU C 201 -22.91 5.54 -21.91
N ASN C 202 -22.89 4.63 -20.94
CA ASN C 202 -22.61 5.03 -19.57
C ASN C 202 -21.17 5.52 -19.43
N VAL C 203 -20.20 4.78 -19.98
CA VAL C 203 -18.80 5.19 -19.81
C VAL C 203 -18.52 6.48 -20.54
N VAL C 204 -19.12 6.68 -21.73
CA VAL C 204 -18.91 7.96 -22.39
C VAL C 204 -19.66 9.07 -21.68
N ARG C 205 -20.72 8.76 -20.93
CA ARG C 205 -21.37 9.84 -20.20
C ARG C 205 -20.59 10.24 -18.95
N GLN C 206 -19.90 9.31 -18.27
CA GLN C 206 -18.98 9.77 -17.23
C GLN C 206 -17.83 10.55 -17.83
N PHE C 207 -17.32 10.12 -18.99
CA PHE C 207 -16.16 10.81 -19.56
C PHE C 207 -16.56 12.19 -20.07
N SER C 208 -17.80 12.37 -20.50
CA SER C 208 -18.28 13.69 -20.87
C SER C 208 -18.54 14.55 -19.63
N ASP C 209 -19.02 13.93 -18.54
CA ASP C 209 -19.29 14.70 -17.33
C ASP C 209 -18.02 15.15 -16.63
N ASN C 210 -16.95 14.36 -16.66
CA ASN C 210 -15.75 14.66 -15.90
C ASN C 210 -14.58 15.10 -16.77
N ALA C 211 -14.81 15.33 -18.07
CA ALA C 211 -13.82 15.86 -19.02
C ALA C 211 -12.57 15.00 -19.10
N GLY C 212 -12.74 13.69 -18.99
CA GLY C 212 -11.65 12.75 -19.14
C GLY C 212 -10.95 12.35 -17.85
N ILE C 213 -11.15 13.09 -16.77
CA ILE C 213 -10.54 12.78 -15.48
C ILE C 213 -11.66 12.42 -14.51
N THR C 214 -11.94 11.12 -14.39
CA THR C 214 -12.98 10.68 -13.47
C THR C 214 -12.48 10.76 -12.03
N PRO C 215 -13.33 11.18 -11.09
CA PRO C 215 -12.90 11.24 -9.69
C PRO C 215 -12.87 9.89 -9.01
N ALA C 216 -13.63 8.92 -9.50
CA ALA C 216 -13.68 7.59 -8.93
C ALA C 216 -14.01 6.61 -10.06
N ILE C 217 -14.33 5.38 -9.69
CA ILE C 217 -14.65 4.33 -10.65
C ILE C 217 -16.09 3.88 -10.41
N SER C 218 -16.91 3.99 -11.44
CA SER C 218 -18.29 3.51 -11.35
C SER C 218 -18.31 1.99 -11.54
N LEU C 219 -19.47 1.40 -11.25
CA LEU C 219 -19.63 -0.04 -11.39
C LEU C 219 -19.63 -0.49 -12.85
N ASP C 220 -19.77 0.46 -13.78
CA ASP C 220 -19.78 0.10 -15.20
C ASP C 220 -18.38 0.00 -15.77
N LEU C 221 -17.44 0.81 -15.26
CA LEU C 221 -16.07 0.72 -15.74
C LEU C 221 -15.42 -0.59 -15.35
N MET C 222 -15.59 -1.00 -14.09
CA MET C 222 -15.04 -2.24 -13.58
C MET C 222 -16.19 -3.17 -13.22
N THR C 223 -16.33 -4.26 -13.96
CA THR C 223 -17.14 -5.34 -13.40
C THR C 223 -16.33 -6.07 -12.34
N ASP C 224 -17.03 -6.86 -11.52
CA ASP C 224 -16.35 -7.51 -10.40
C ASP C 224 -15.36 -8.56 -10.90
N ALA C 225 -15.72 -9.27 -11.98
CA ALA C 225 -14.83 -10.28 -12.53
C ALA C 225 -13.59 -9.64 -13.14
N GLU C 226 -13.76 -8.53 -13.86
CA GLU C 226 -12.61 -7.83 -14.44
C GLU C 226 -11.71 -7.26 -13.36
N LEU C 227 -12.30 -6.71 -12.30
CA LEU C 227 -11.52 -6.19 -11.19
C LEU C 227 -10.74 -7.30 -10.50
N ALA C 228 -11.37 -8.46 -10.32
CA ALA C 228 -10.68 -9.60 -9.72
C ALA C 228 -9.54 -10.09 -10.60
N ARG C 229 -9.75 -10.09 -11.92
CA ARG C 229 -8.70 -10.49 -12.85
C ARG C 229 -7.53 -9.52 -12.80
N ALA C 230 -7.82 -8.22 -12.68
CA ALA C 230 -6.76 -7.22 -12.56
C ALA C 230 -6.03 -7.35 -11.24
N VAL C 231 -6.76 -7.66 -10.16
CA VAL C 231 -6.16 -7.83 -8.84
C VAL C 231 -5.23 -9.03 -8.81
N SER C 232 -5.65 -10.16 -9.40
CA SER C 232 -4.86 -11.38 -9.32
C SER C 232 -3.57 -11.27 -10.12
N ASN C 233 -3.53 -10.41 -11.12
CA ASN C 233 -2.32 -10.20 -11.92
C ASN C 233 -1.49 -9.04 -11.40
N MET C 234 -1.90 -8.41 -10.31
CA MET C 234 -1.09 -7.35 -9.72
C MET C 234 0.17 -7.94 -9.11
N PRO C 235 1.35 -7.43 -9.47
CA PRO C 235 2.61 -8.04 -9.00
C PRO C 235 2.88 -7.66 -7.56
N THR C 236 2.58 -8.57 -6.64
CA THR C 236 2.76 -8.38 -5.20
C THR C 236 2.62 -9.75 -4.55
N SER C 237 2.74 -9.80 -3.22
CA SER C 237 2.79 -11.07 -2.50
C SER C 237 1.41 -11.67 -2.28
N ALA C 238 1.32 -12.64 -1.36
CA ALA C 238 0.08 -13.40 -1.17
C ALA C 238 -0.96 -12.61 -0.37
N GLY C 239 -0.62 -12.25 0.87
CA GLY C 239 -1.57 -11.54 1.71
C GLY C 239 -1.91 -10.16 1.19
N GLN C 240 -0.99 -9.56 0.44
CA GLN C 240 -1.29 -8.33 -0.29
C GLN C 240 -2.44 -8.54 -1.26
N ILE C 241 -2.40 -9.64 -2.02
CA ILE C 241 -3.47 -9.97 -2.94
C ILE C 241 -4.75 -10.27 -2.18
N LYS C 242 -4.64 -10.92 -1.03
CA LYS C 242 -5.82 -11.21 -0.20
C LYS C 242 -6.52 -9.93 0.25
N LEU C 243 -5.75 -8.98 0.78
CA LEU C 243 -6.34 -7.72 1.22
C LEU C 243 -6.83 -6.89 0.04
N MET C 244 -6.19 -7.04 -1.13
CA MET C 244 -6.74 -6.47 -2.36
C MET C 244 -8.10 -7.06 -2.67
N LEU C 245 -8.29 -8.35 -2.36
CA LEU C 245 -9.53 -9.03 -2.71
C LEU C 245 -10.68 -8.65 -1.78
N GLU C 246 -10.56 -8.94 -0.47
CA GLU C 246 -11.73 -8.74 0.39
C GLU C 246 -12.02 -7.27 0.73
N ASN C 247 -11.26 -6.31 0.24
CA ASN C 247 -11.58 -4.90 0.51
C ASN C 247 -11.70 -4.13 -0.80
N ARG C 248 -12.30 -4.75 -1.82
CA ARG C 248 -12.25 -4.23 -3.18
C ARG C 248 -13.10 -2.98 -3.40
N ALA C 249 -14.11 -2.74 -2.54
CA ALA C 249 -15.07 -1.67 -2.80
C ALA C 249 -14.41 -0.29 -2.73
N MET C 250 -13.68 -0.02 -1.66
CA MET C 250 -13.07 1.30 -1.64
C MET C 250 -11.75 1.35 -2.40
N VAL C 251 -11.24 0.19 -2.84
CA VAL C 251 -10.22 0.17 -3.88
C VAL C 251 -10.80 0.72 -5.18
N ARG C 252 -12.03 0.30 -5.51
CA ARG C 252 -12.75 0.89 -6.64
C ARG C 252 -12.99 2.38 -6.43
N ARG C 253 -13.28 2.77 -5.18
CA ARG C 253 -13.40 4.19 -4.85
C ARG C 253 -12.10 4.95 -5.10
N LYS C 254 -10.96 4.34 -4.76
CA LYS C 254 -9.68 5.04 -4.89
C LYS C 254 -9.25 5.21 -6.35
N GLY C 255 -9.58 4.25 -7.22
CA GLY C 255 -9.09 4.28 -8.58
C GLY C 255 -9.76 5.34 -9.43
N PHE C 256 -9.19 5.56 -10.61
CA PHE C 256 -9.71 6.56 -11.54
C PHE C 256 -9.26 6.19 -12.95
N GLY C 257 -10.10 6.50 -13.93
CA GLY C 257 -9.86 6.11 -15.31
C GLY C 257 -9.70 7.31 -16.22
N ILE C 258 -8.82 7.16 -17.22
CA ILE C 258 -8.44 8.25 -18.11
C ILE C 258 -8.64 7.78 -19.55
N LEU C 259 -9.25 8.64 -20.36
CA LEU C 259 -9.49 8.33 -21.77
C LEU C 259 -8.18 8.36 -22.55
N ILE C 260 -8.10 7.52 -23.57
CA ILE C 260 -6.95 7.54 -24.47
C ILE C 260 -7.40 7.96 -25.87
N GLY C 261 -8.33 7.23 -26.45
CA GLY C 261 -8.88 7.67 -27.72
C GLY C 261 -9.45 6.51 -28.52
N VAL C 262 -9.91 6.86 -29.72
CA VAL C 262 -10.54 5.91 -30.63
C VAL C 262 -9.61 5.67 -31.82
N TYR C 263 -9.31 4.41 -32.08
CA TYR C 263 -8.48 4.01 -33.21
C TYR C 263 -9.18 2.88 -33.93
N GLY C 264 -9.29 3.01 -35.25
CA GLY C 264 -10.08 2.07 -36.02
C GLY C 264 -11.54 2.12 -35.59
N SER C 265 -12.10 0.97 -35.25
CA SER C 265 -13.42 0.87 -34.66
C SER C 265 -13.35 0.62 -33.16
N SER C 266 -12.18 0.77 -32.55
CA SER C 266 -11.98 0.41 -31.16
C SER C 266 -11.80 1.67 -30.32
N VAL C 267 -12.52 1.76 -29.21
CA VAL C 267 -12.31 2.80 -28.22
C VAL C 267 -11.42 2.25 -27.12
N ILE C 268 -10.32 2.94 -26.84
CA ILE C 268 -9.31 2.51 -25.90
C ILE C 268 -9.23 3.54 -24.78
N TYR C 269 -9.33 3.07 -23.54
CA TYR C 269 -9.09 3.90 -22.37
C TYR C 269 -8.22 3.13 -21.40
N MET C 270 -7.87 3.78 -20.29
CA MET C 270 -7.09 3.12 -19.26
C MET C 270 -7.64 3.53 -17.90
N VAL C 271 -7.04 2.94 -16.86
CA VAL C 271 -7.44 3.15 -15.47
C VAL C 271 -6.24 2.83 -14.58
N GLN C 272 -6.09 3.58 -13.50
CA GLN C 272 -5.03 3.36 -12.54
C GLN C 272 -5.61 2.65 -11.32
N LEU C 273 -5.04 1.49 -10.98
CA LEU C 273 -5.45 0.78 -9.78
C LEU C 273 -4.42 0.99 -8.69
N PRO C 274 -4.85 1.22 -7.45
CA PRO C 274 -3.89 1.34 -6.36
C PRO C 274 -3.27 -0.01 -6.04
N ILE C 275 -2.00 0.04 -5.62
CA ILE C 275 -1.25 -1.15 -5.26
C ILE C 275 -0.82 -0.96 -3.81
N PHE C 276 -1.40 -1.74 -2.91
CA PHE C 276 -1.12 -1.64 -1.48
C PHE C 276 0.06 -2.54 -1.18
N GLY C 277 1.17 -1.92 -0.81
CA GLY C 277 2.41 -2.65 -0.60
C GLY C 277 2.77 -2.90 0.85
N VAL C 278 2.39 -1.98 1.73
CA VAL C 278 2.75 -2.05 3.14
C VAL C 278 1.49 -2.30 3.94
N ILE C 279 1.40 -3.48 4.56
CA ILE C 279 0.21 -3.97 5.22
C ILE C 279 0.58 -4.51 6.60
N ASP C 280 -0.33 -4.28 7.56
CA ASP C 280 -0.29 -4.83 8.91
C ASP C 280 0.93 -4.31 9.69
N THR C 281 0.90 -3.01 9.90
CA THR C 281 1.79 -2.29 10.79
C THR C 281 0.96 -1.38 11.67
N PRO C 282 1.30 -1.26 12.96
CA PRO C 282 0.60 -0.30 13.82
C PRO C 282 0.74 1.13 13.32
N CYS C 283 -0.36 1.87 13.39
CA CYS C 283 -0.37 3.28 13.05
C CYS C 283 -1.13 4.02 14.15
N TRP C 284 -0.80 5.29 14.32
CA TRP C 284 -1.48 6.07 15.34
C TRP C 284 -1.87 7.43 14.78
N ILE C 285 -2.86 8.03 15.41
CA ILE C 285 -3.33 9.37 15.04
C ILE C 285 -3.28 10.25 16.28
N VAL C 286 -2.70 11.44 16.12
CA VAL C 286 -2.53 12.39 17.21
C VAL C 286 -3.39 13.61 16.94
N LYS C 287 -4.12 14.06 17.97
CA LYS C 287 -4.92 15.27 17.92
C LYS C 287 -4.61 16.11 19.14
N ALA C 288 -4.85 17.42 19.04
CA ALA C 288 -4.59 18.32 20.13
C ALA C 288 -5.50 19.53 20.05
N ALA C 289 -5.65 20.20 21.19
CA ALA C 289 -6.36 21.46 21.33
C ALA C 289 -5.51 22.41 22.16
N PRO C 290 -5.65 23.73 21.95
CA PRO C 290 -4.75 24.66 22.64
C PRO C 290 -5.00 24.69 24.15
N SER C 291 -3.91 24.62 24.91
CA SER C 291 -3.96 24.80 26.35
C SER C 291 -3.64 26.26 26.64
N CYS C 292 -4.50 26.91 27.41
CA CYS C 292 -4.38 28.33 27.69
C CYS C 292 -4.19 28.53 29.19
N SER C 293 -2.97 28.87 29.59
CA SER C 293 -2.73 29.30 30.95
C SER C 293 -3.35 30.68 31.13
N GLU C 294 -4.15 30.82 32.20
CA GLU C 294 -4.91 32.04 32.45
C GLU C 294 -4.64 32.51 33.88
N LYS C 295 -4.28 33.79 34.00
CA LYS C 295 -4.16 34.42 35.31
C LYS C 295 -4.40 35.92 35.18
N LYS C 296 -5.36 36.42 35.95
CA LYS C 296 -5.68 37.85 36.09
C LYS C 296 -5.95 38.50 34.72
N GLY C 297 -6.80 37.85 33.94
CA GLY C 297 -7.10 38.33 32.60
C GLY C 297 -5.97 38.18 31.61
N ASN C 298 -5.02 37.30 31.89
CA ASN C 298 -3.86 37.09 31.04
C ASN C 298 -3.90 35.68 30.49
N TYR C 299 -3.83 35.56 29.16
CA TYR C 299 -3.94 34.29 28.47
C TYR C 299 -2.64 33.94 27.78
N ALA C 300 -2.34 32.64 27.72
CA ALA C 300 -1.20 32.13 26.96
C ALA C 300 -1.58 30.76 26.43
N CYS C 301 -1.84 30.65 25.13
CA CYS C 301 -2.35 29.41 24.53
C CYS C 301 -1.28 28.78 23.65
N LEU C 302 -1.18 27.46 23.72
CA LEU C 302 -0.27 26.70 22.88
C LEU C 302 -1.00 25.51 22.25
N LEU C 303 -0.67 25.24 20.98
CA LEU C 303 -1.30 24.20 20.19
C LEU C 303 -0.25 23.33 19.51
N ARG C 304 -0.38 22.01 19.66
CA ARG C 304 0.51 21.12 18.93
C ARG C 304 0.12 21.09 17.45
N GLU C 305 1.10 21.29 16.58
CA GLU C 305 0.88 21.44 15.15
C GLU C 305 1.17 20.17 14.36
N ASP C 306 1.35 19.04 15.04
CA ASP C 306 1.75 17.80 14.40
C ASP C 306 0.60 16.79 14.34
N GLN C 307 -0.64 17.27 14.42
CA GLN C 307 -1.80 16.39 14.39
C GLN C 307 -1.91 15.67 13.05
N GLY C 308 -2.33 14.42 13.10
CA GLY C 308 -2.50 13.65 11.89
C GLY C 308 -2.12 12.21 12.11
N TRP C 309 -1.73 11.55 11.01
CA TRP C 309 -1.46 10.12 11.02
C TRP C 309 0.04 9.87 11.03
N TYR C 310 0.46 8.83 11.74
CA TYR C 310 1.83 8.35 11.72
C TYR C 310 1.80 6.85 11.51
N CYS C 311 2.65 6.36 10.61
CA CYS C 311 2.76 4.94 10.33
C CYS C 311 4.22 4.54 10.26
N GLN C 312 4.45 3.24 10.29
CA GLN C 312 5.80 2.68 10.25
C GLN C 312 5.95 1.79 9.02
N ASN C 313 7.14 1.80 8.45
CA ASN C 313 7.45 0.92 7.32
C ASN C 313 8.96 0.78 7.24
N ALA C 314 9.45 -0.47 7.30
CA ALA C 314 10.87 -0.82 7.19
C ALA C 314 11.72 -0.08 8.21
N GLY C 315 11.16 0.19 9.39
CA GLY C 315 11.89 0.90 10.41
C GLY C 315 11.84 2.40 10.32
N SER C 316 11.20 2.97 9.30
CA SER C 316 11.09 4.41 9.14
C SER C 316 9.68 4.86 9.44
N THR C 317 9.54 6.11 9.86
CA THR C 317 8.26 6.68 10.24
C THR C 317 7.78 7.63 9.16
N VAL C 318 6.51 7.46 8.75
CA VAL C 318 5.90 8.27 7.73
C VAL C 318 4.77 9.07 8.36
N TYR C 319 4.79 10.38 8.15
CA TYR C 319 3.81 11.30 8.72
C TYR C 319 2.89 11.80 7.62
N TYR C 320 1.59 11.71 7.85
CA TYR C 320 0.57 12.25 6.98
C TYR C 320 -0.13 13.39 7.71
N PRO C 321 0.15 14.65 7.35
CA PRO C 321 -0.47 15.76 8.07
C PRO C 321 -1.87 16.09 7.58
N ASN C 322 -2.17 15.77 6.33
CA ASN C 322 -3.48 16.04 5.79
C ASN C 322 -4.47 14.97 6.21
N GLU C 323 -5.76 15.28 6.04
CA GLU C 323 -6.83 14.38 6.40
C GLU C 323 -7.51 13.74 5.21
N LYS C 324 -7.57 14.44 4.07
CA LYS C 324 -8.22 13.91 2.89
C LYS C 324 -7.45 12.74 2.27
N ASP C 325 -6.16 12.62 2.55
CA ASP C 325 -5.35 11.60 1.91
C ASP C 325 -5.56 10.23 2.52
N CYS C 326 -6.05 10.16 3.76
CA CYS C 326 -6.05 8.91 4.50
C CYS C 326 -7.44 8.70 5.11
N GLU C 327 -7.89 7.44 5.16
CA GLU C 327 -9.26 7.14 5.54
C GLU C 327 -9.30 5.86 6.38
N THR C 328 -10.13 5.86 7.42
CA THR C 328 -10.28 4.70 8.28
C THR C 328 -11.37 3.78 7.77
N ARG C 329 -11.22 2.49 8.07
CA ARG C 329 -12.23 1.49 7.71
C ARG C 329 -12.04 0.30 8.65
N GLY C 330 -13.02 0.07 9.52
CA GLY C 330 -12.89 -1.00 10.51
C GLY C 330 -11.78 -0.69 11.48
N ASP C 331 -10.85 -1.65 11.61
CA ASP C 331 -9.64 -1.44 12.38
C ASP C 331 -8.46 -1.04 11.50
N HIS C 332 -8.66 -0.90 10.20
CA HIS C 332 -7.59 -0.60 9.27
C HIS C 332 -7.61 0.88 8.89
N VAL C 333 -6.46 1.36 8.46
CA VAL C 333 -6.31 2.72 7.95
C VAL C 333 -5.75 2.64 6.54
N PHE C 334 -6.02 3.66 5.73
CA PHE C 334 -5.64 3.68 4.33
C PHE C 334 -5.04 5.05 4.04
N CYS C 335 -3.73 5.16 4.14
CA CYS C 335 -3.03 6.41 3.91
C CYS C 335 -2.25 6.32 2.61
N ASP C 336 -1.97 7.48 2.01
CA ASP C 336 -1.28 7.58 0.75
C ASP C 336 0.16 8.03 0.99
N THR C 337 1.12 7.27 0.46
CA THR C 337 2.53 7.55 0.71
C THR C 337 3.04 8.71 -0.13
N ALA C 338 2.28 9.17 -1.13
CA ALA C 338 2.73 10.28 -1.96
C ALA C 338 2.74 11.58 -1.17
N ALA C 339 1.66 11.85 -0.44
CA ALA C 339 1.58 13.05 0.39
C ALA C 339 2.37 12.93 1.67
N GLY C 340 2.77 11.71 2.07
CA GLY C 340 3.45 11.53 3.32
C GLY C 340 4.87 12.05 3.30
N ILE C 341 5.42 12.26 4.50
CA ILE C 341 6.77 12.74 4.67
C ILE C 341 7.50 11.75 5.57
N ASN C 342 8.83 11.78 5.51
CA ASN C 342 9.67 10.87 6.27
C ASN C 342 10.20 11.60 7.50
N VAL C 343 9.97 11.02 8.68
CA VAL C 343 10.44 11.56 9.94
C VAL C 343 11.19 10.47 10.70
N ALA C 344 11.66 10.81 11.89
CA ALA C 344 12.44 9.89 12.71
C ALA C 344 11.59 9.31 13.83
N GLU C 345 12.20 8.41 14.60
CA GLU C 345 11.49 7.76 15.70
C GLU C 345 11.29 8.71 16.88
N GLN C 346 12.19 9.68 17.04
CA GLN C 346 12.22 10.51 18.24
C GLN C 346 10.97 11.37 18.38
N SER C 347 10.24 11.58 17.28
CA SER C 347 8.97 12.30 17.33
C SER C 347 7.98 11.61 18.26
N LYS C 348 7.99 10.27 18.28
CA LYS C 348 7.15 9.53 19.20
C LYS C 348 7.44 9.90 20.64
N GLU C 349 8.71 10.19 20.96
CA GLU C 349 9.06 10.52 22.34
C GLU C 349 8.59 11.91 22.74
N CYS C 350 8.11 12.73 21.80
CA CYS C 350 7.48 13.97 22.26
C CYS C 350 5.98 13.82 22.40
N ASN C 351 5.44 12.63 22.16
CA ASN C 351 4.07 12.30 22.53
C ASN C 351 3.97 11.69 23.93
N ILE C 352 5.11 11.45 24.58
CA ILE C 352 5.13 10.79 25.88
C ILE C 352 5.79 11.69 26.91
N ASN C 353 6.96 12.23 26.55
CA ASN C 353 7.85 12.92 27.47
C ASN C 353 8.20 14.29 26.93
N ILE C 354 7.17 15.06 26.56
CA ILE C 354 7.35 16.40 25.97
C ILE C 354 8.11 17.34 26.90
N SER C 355 8.07 17.08 28.22
CA SER C 355 8.82 17.91 29.16
C SER C 355 10.32 17.71 29.01
N THR C 356 10.76 16.45 28.91
CA THR C 356 12.18 16.13 28.92
C THR C 356 12.69 15.65 27.56
N THR C 357 11.97 15.95 26.47
CA THR C 357 12.35 15.44 25.17
C THR C 357 13.51 16.24 24.59
N ASN C 358 14.27 15.59 23.71
CA ASN C 358 15.28 16.25 22.91
C ASN C 358 14.78 16.68 21.54
N TYR C 359 13.74 16.04 21.03
CA TYR C 359 13.23 16.37 19.71
C TYR C 359 12.33 17.59 19.78
N PRO C 360 12.61 18.65 19.04
CA PRO C 360 11.76 19.86 19.09
C PRO C 360 10.60 19.80 18.09
N CYS C 361 9.59 19.00 18.42
CA CYS C 361 8.43 18.90 17.55
C CYS C 361 7.53 20.12 17.69
N LYS C 362 6.79 20.42 16.62
CA LYS C 362 6.27 21.76 16.39
C LYS C 362 5.00 22.05 17.18
N VAL C 363 4.87 23.29 17.63
CA VAL C 363 3.67 23.84 18.26
C VAL C 363 3.42 25.23 17.69
N SER C 364 2.44 25.92 18.27
CA SER C 364 2.08 27.28 17.90
C SER C 364 1.60 28.01 19.14
N THR C 365 1.78 29.33 19.13
CA THR C 365 1.53 30.19 20.27
C THR C 365 0.41 31.19 19.95
N GLY C 366 -0.30 31.62 20.99
CA GLY C 366 -1.38 32.57 20.80
C GLY C 366 -1.78 33.28 22.06
N ARG C 367 -2.36 34.46 21.87
CA ARG C 367 -2.86 35.31 22.94
C ARG C 367 -4.34 35.10 23.25
N HIS C 368 -5.05 34.36 22.41
CA HIS C 368 -6.49 34.16 22.59
C HIS C 368 -6.83 32.69 22.43
N PRO C 369 -7.81 32.21 23.18
CA PRO C 369 -8.25 30.82 23.02
C PRO C 369 -9.10 30.66 21.76
N ILE C 370 -9.15 29.41 21.29
CA ILE C 370 -9.99 29.02 20.17
C ILE C 370 -10.83 27.83 20.62
N SER C 371 -12.14 27.90 20.39
CA SER C 371 -13.06 26.85 20.82
C SER C 371 -13.16 25.70 19.84
N MET C 372 -12.13 25.48 19.03
CA MET C 372 -12.09 24.35 18.11
C MET C 372 -12.14 23.04 18.90
N VAL C 373 -13.02 22.14 18.47
CA VAL C 373 -13.27 20.88 19.17
C VAL C 373 -12.43 19.78 18.54
N ALA C 374 -11.81 18.96 19.39
CA ALA C 374 -11.04 17.82 18.95
C ALA C 374 -11.92 16.59 18.91
N LEU C 375 -11.73 15.76 17.88
CA LEU C 375 -12.55 14.56 17.66
C LEU C 375 -11.61 13.36 17.56
N SER C 376 -11.47 12.64 18.67
CA SER C 376 -10.76 11.39 18.65
C SER C 376 -11.56 10.34 17.87
N PRO C 377 -10.89 9.36 17.27
CA PRO C 377 -11.64 8.25 16.64
C PRO C 377 -12.51 7.48 17.61
N LEU C 378 -12.12 7.40 18.88
CA LEU C 378 -12.94 6.80 19.92
C LEU C 378 -13.76 7.84 20.68
N GLY C 379 -13.10 8.78 21.33
CA GLY C 379 -13.78 9.77 22.14
C GLY C 379 -13.71 11.17 21.56
N ALA C 380 -13.60 12.17 22.42
CA ALA C 380 -13.52 13.56 21.97
C ALA C 380 -12.86 14.40 23.05
N LEU C 381 -12.44 15.60 22.65
CA LEU C 381 -11.84 16.53 23.58
C LEU C 381 -12.44 17.90 23.29
N VAL C 382 -12.71 18.66 24.36
CA VAL C 382 -13.16 20.04 24.24
C VAL C 382 -12.33 20.90 25.18
N ALA C 383 -11.71 21.95 24.66
CA ALA C 383 -10.93 22.89 25.43
C ALA C 383 -11.54 24.29 25.36
N CYS C 384 -12.86 24.37 25.49
CA CYS C 384 -13.54 25.65 25.44
C CYS C 384 -13.24 26.47 26.69
N TYR C 385 -13.18 27.79 26.52
CA TYR C 385 -12.80 28.69 27.58
C TYR C 385 -13.86 29.78 27.76
N LYS C 386 -13.53 30.83 28.51
CA LYS C 386 -14.49 31.85 28.91
C LYS C 386 -15.10 32.55 27.71
N GLY C 387 -16.43 32.64 27.70
CA GLY C 387 -17.16 33.25 26.61
C GLY C 387 -18.27 32.38 26.07
N VAL C 388 -18.07 31.06 26.13
CA VAL C 388 -19.04 30.09 25.63
C VAL C 388 -19.44 29.16 26.76
N SER C 389 -20.33 28.22 26.45
CA SER C 389 -20.78 27.21 27.39
C SER C 389 -20.54 25.83 26.78
N CYS C 390 -20.29 24.84 27.63
CA CYS C 390 -20.04 23.48 27.21
C CYS C 390 -20.74 22.50 28.14
N SER C 391 -21.28 21.43 27.57
CA SER C 391 -21.92 20.38 28.36
C SER C 391 -21.97 19.10 27.54
N ILE C 392 -22.47 18.04 28.16
CA ILE C 392 -22.60 16.74 27.50
C ILE C 392 -24.06 16.32 27.51
N GLY C 393 -24.40 15.42 26.60
CA GLY C 393 -25.78 14.96 26.49
C GLY C 393 -25.82 13.50 26.05
N SER C 394 -26.94 12.87 26.34
CA SER C 394 -27.20 11.48 25.99
C SER C 394 -28.53 11.40 25.23
N ASN C 395 -28.61 10.44 24.30
CA ASN C 395 -29.82 10.29 23.50
C ASN C 395 -31.01 9.83 24.34
N ARG C 396 -30.78 8.88 25.25
CA ARG C 396 -31.88 8.27 25.98
C ARG C 396 -32.43 9.19 27.08
N VAL C 397 -31.56 9.92 27.75
CA VAL C 397 -31.94 10.69 28.93
C VAL C 397 -32.04 12.18 28.63
N GLY C 398 -30.95 12.77 28.11
CA GLY C 398 -30.91 14.20 27.89
C GLY C 398 -29.59 14.80 28.34
N ILE C 399 -29.58 16.08 28.66
CA ILE C 399 -28.34 16.75 29.08
C ILE C 399 -27.90 16.18 30.42
N ILE C 400 -26.69 15.61 30.45
CA ILE C 400 -26.20 14.93 31.64
C ILE C 400 -25.59 15.93 32.60
N LYS C 401 -24.50 16.58 32.19
CA LYS C 401 -23.79 17.49 33.07
C LYS C 401 -23.06 18.54 32.25
N GLN C 402 -22.79 19.67 32.88
CA GLN C 402 -22.00 20.73 32.28
C GLN C 402 -20.51 20.38 32.36
N LEU C 403 -19.73 21.05 31.51
CA LEU C 403 -18.29 20.85 31.44
C LEU C 403 -17.58 22.03 32.10
N ASN C 404 -16.66 21.73 33.01
CA ASN C 404 -15.85 22.77 33.61
C ASN C 404 -14.86 23.33 32.61
N LYS C 405 -14.46 24.58 32.81
CA LYS C 405 -13.54 25.24 31.90
C LYS C 405 -12.15 24.62 32.01
N GLY C 406 -11.54 24.35 30.86
CA GLY C 406 -10.23 23.78 30.79
C GLY C 406 -10.14 22.78 29.65
N CYS C 407 -9.00 22.10 29.57
CA CYS C 407 -8.77 21.06 28.57
C CYS C 407 -9.44 19.80 29.06
N SER C 408 -10.63 19.52 28.55
CA SER C 408 -11.47 18.43 29.05
C SER C 408 -11.53 17.30 28.02
N TYR C 409 -11.40 16.07 28.49
CA TYR C 409 -11.53 14.88 27.65
C TYR C 409 -12.82 14.15 28.00
N ILE C 410 -13.43 13.53 26.99
CA ILE C 410 -14.64 12.74 27.19
C ILE C 410 -14.55 11.51 26.30
N THR C 411 -15.17 10.42 26.75
CA THR C 411 -15.21 9.16 26.02
C THR C 411 -16.65 8.83 25.66
N ASN C 412 -16.81 7.90 24.70
CA ASN C 412 -18.13 7.49 24.29
C ASN C 412 -18.86 6.68 25.37
N GLN C 413 -18.11 6.11 26.32
CA GLN C 413 -18.73 5.39 27.42
C GLN C 413 -19.43 6.36 28.38
N ASP C 414 -18.79 7.51 28.65
CA ASP C 414 -19.36 8.45 29.61
C ASP C 414 -20.52 9.23 29.02
N ALA C 415 -20.42 9.62 27.74
CA ALA C 415 -21.43 10.47 27.13
C ALA C 415 -21.58 10.11 25.66
N ASP C 416 -22.69 10.56 25.09
CA ASP C 416 -23.00 10.33 23.68
C ASP C 416 -22.67 11.53 22.79
N THR C 417 -23.10 12.73 23.18
CA THR C 417 -22.90 13.93 22.39
C THR C 417 -22.29 15.03 23.25
N VAL C 418 -21.60 15.95 22.60
CA VAL C 418 -21.01 17.10 23.28
C VAL C 418 -21.58 18.37 22.66
N THR C 419 -22.01 19.30 23.50
CA THR C 419 -22.68 20.52 23.06
C THR C 419 -21.86 21.72 23.50
N ILE C 420 -21.48 22.56 22.54
CA ILE C 420 -20.83 23.84 22.81
C ILE C 420 -21.70 24.94 22.23
N ASP C 421 -22.19 25.83 23.10
CA ASP C 421 -23.19 26.85 22.79
C ASP C 421 -24.43 26.23 22.16
N ASN C 422 -24.54 26.31 20.83
CA ASN C 422 -25.64 25.70 20.10
C ASN C 422 -25.21 24.61 19.14
N THR C 423 -23.91 24.30 19.08
CA THR C 423 -23.39 23.33 18.13
C THR C 423 -23.19 21.98 18.83
N VAL C 424 -23.69 20.91 18.21
CA VAL C 424 -23.73 19.58 18.78
C VAL C 424 -22.83 18.67 17.95
N TYR C 425 -22.01 17.86 18.63
CA TYR C 425 -21.16 16.88 17.97
C TYR C 425 -21.43 15.50 18.53
N GLN C 426 -21.44 14.51 17.64
CA GLN C 426 -21.72 13.12 17.97
C GLN C 426 -20.41 12.36 18.16
N LEU C 427 -20.47 11.33 19.00
CA LEU C 427 -19.34 10.45 19.26
C LEU C 427 -19.61 9.06 18.68
N SER C 428 -18.62 8.52 18.00
CA SER C 428 -18.74 7.17 17.44
C SER C 428 -18.71 6.14 18.55
N LYS C 429 -19.40 5.02 18.34
CA LYS C 429 -19.53 3.99 19.35
C LYS C 429 -18.54 2.85 19.18
N VAL C 430 -17.37 3.12 18.59
CA VAL C 430 -16.35 2.08 18.47
C VAL C 430 -15.67 1.90 19.83
N GLU C 431 -15.63 0.66 20.30
CA GLU C 431 -15.16 0.36 21.64
C GLU C 431 -13.65 0.22 21.68
N GLY C 432 -13.09 0.39 22.87
CA GLY C 432 -11.65 0.29 23.06
C GLY C 432 -11.32 0.53 24.52
N GLU C 433 -10.03 0.57 24.80
CA GLU C 433 -9.53 0.82 26.14
C GLU C 433 -8.67 2.08 26.18
N GLN C 434 -8.77 2.82 27.29
CA GLN C 434 -8.26 4.17 27.39
C GLN C 434 -7.40 4.31 28.64
N HIS C 435 -6.51 5.30 28.60
CA HIS C 435 -5.64 5.61 29.72
C HIS C 435 -5.35 7.10 29.68
N VAL C 436 -5.21 7.70 30.87
CA VAL C 436 -4.94 9.13 31.01
C VAL C 436 -3.60 9.29 31.71
N ILE C 437 -2.69 10.04 31.08
CA ILE C 437 -1.38 10.31 31.66
C ILE C 437 -1.48 11.58 32.48
N LYS C 438 -1.28 11.46 33.79
CA LYS C 438 -1.36 12.61 34.68
C LYS C 438 -0.13 13.49 34.53
N GLY C 439 -0.35 14.79 34.36
CA GLY C 439 0.76 15.71 34.22
C GLY C 439 0.37 17.17 34.33
N ARG C 440 1.29 18.00 34.81
CA ARG C 440 1.04 19.43 34.91
C ARG C 440 1.15 20.05 33.52
N PRO C 441 0.16 20.83 33.08
CA PRO C 441 0.18 21.37 31.71
C PRO C 441 1.34 22.32 31.49
N VAL C 442 1.95 22.23 30.30
CA VAL C 442 3.15 23.02 30.01
C VAL C 442 2.80 24.47 29.77
N SER C 443 1.51 24.79 29.57
CA SER C 443 1.10 26.19 29.51
C SER C 443 1.31 26.88 30.84
N SER C 444 1.05 26.18 31.95
CA SER C 444 1.17 26.76 33.29
C SER C 444 2.62 27.04 33.68
N SER C 445 3.60 26.49 32.96
CA SER C 445 5.00 26.76 33.28
C SER C 445 5.50 28.07 32.70
N PHE C 446 4.69 28.77 31.91
CA PHE C 446 5.06 30.05 31.33
C PHE C 446 4.22 31.16 31.94
N ASP C 447 4.73 32.38 31.81
CA ASP C 447 4.05 33.58 32.25
C ASP C 447 3.39 34.26 31.05
N PRO C 448 2.08 34.50 31.07
CA PRO C 448 1.47 35.23 29.95
C PRO C 448 1.97 36.67 29.80
N VAL C 449 2.56 37.26 30.84
CA VAL C 449 3.11 38.60 30.74
C VAL C 449 4.33 38.61 29.84
N LYS C 450 5.25 37.67 30.03
CA LYS C 450 6.44 37.54 29.19
C LYS C 450 6.21 36.63 27.99
N PHE C 451 4.97 36.23 27.75
CA PHE C 451 4.64 35.37 26.63
C PHE C 451 4.86 36.13 25.32
N PRO C 452 5.52 35.53 24.32
CA PRO C 452 5.88 36.29 23.12
C PRO C 452 4.70 36.53 22.19
N GLU C 453 4.96 37.12 21.03
CA GLU C 453 3.93 37.36 20.04
C GLU C 453 3.48 36.05 19.40
N ASP C 454 2.37 36.13 18.67
CA ASP C 454 1.77 34.94 18.08
C ASP C 454 2.65 34.37 16.98
N GLN C 455 2.83 33.05 17.00
CA GLN C 455 3.71 32.35 16.09
C GLN C 455 2.98 31.17 15.45
N PHE C 456 3.45 30.77 14.28
CA PHE C 456 2.89 29.64 13.55
C PHE C 456 4.00 28.65 13.24
N ASN C 457 3.82 27.40 13.70
CA ASN C 457 4.71 26.27 13.41
C ASN C 457 6.15 26.54 13.87
N VAL C 458 6.30 26.76 15.17
CA VAL C 458 7.60 26.93 15.80
C VAL C 458 7.73 25.88 16.90
N ALA C 459 8.95 25.40 17.10
CA ALA C 459 9.20 24.34 18.06
C ALA C 459 9.06 24.85 19.48
N LEU C 460 8.85 23.90 20.41
CA LEU C 460 8.62 24.28 21.81
C LEU C 460 9.87 24.87 22.44
N ASP C 461 11.05 24.36 22.05
CA ASP C 461 12.29 24.95 22.55
C ASP C 461 12.50 26.33 21.97
N GLN C 462 12.02 26.57 20.74
CA GLN C 462 12.05 27.91 20.18
C GLN C 462 11.15 28.86 20.98
N VAL C 463 9.99 28.37 21.42
CA VAL C 463 9.11 29.18 22.26
C VAL C 463 9.78 29.48 23.60
N PHE C 464 10.41 28.47 24.20
CA PHE C 464 11.08 28.67 25.48
C PHE C 464 12.24 29.66 25.38
N GLU C 465 13.03 29.55 24.30
CA GLU C 465 14.14 30.48 24.15
C GLU C 465 13.66 31.87 23.73
N SER C 466 12.51 31.96 23.06
CA SER C 466 11.92 33.28 22.80
C SER C 466 11.45 33.93 24.08
N ILE C 467 10.87 33.14 25.00
CA ILE C 467 10.50 33.64 26.31
C ILE C 467 11.74 34.11 27.08
N GLU C 468 12.81 33.31 27.02
CA GLU C 468 14.06 33.67 27.71
C GLU C 468 14.67 34.93 27.13
N ASN C 469 14.60 35.10 25.81
CA ASN C 469 15.15 36.29 25.17
C ASN C 469 14.32 37.52 25.46
N SER C 470 12.99 37.37 25.50
CA SER C 470 12.12 38.50 25.79
C SER C 470 12.24 38.94 27.25
N GLN C 471 12.44 37.98 28.17
CA GLN C 471 12.64 38.35 29.56
C GLN C 471 14.02 38.97 29.79
N ALA C 472 15.03 38.52 29.05
CA ALA C 472 16.38 39.07 29.21
C ALA C 472 16.50 40.43 28.54
#